data_9FX0
#
_entry.id   9FX0
#
_cell.length_a   1.00
_cell.length_b   1.00
_cell.length_c   1.00
_cell.angle_alpha   90.00
_cell.angle_beta   90.00
_cell.angle_gamma   90.00
#
_symmetry.space_group_name_H-M   'P 1'
#
loop_
_entity.id
_entity.type
_entity.pdbx_description
1 polymer 'Type-1 fimbrial protein, A chain'
2 polymer 'Protein FimF'
#
loop_
_entity_poly.entity_id
_entity_poly.type
_entity_poly.pdbx_seq_one_letter_code
_entity_poly.pdbx_strand_id
1 'polypeptide(L)'
;MAATTVNGGTVHFKGEVVNAACAVDAGSVDQTVQLGQVRTASLAQEGATSSAVGFNIQLNDCDTNVASKAAVAFLGTAID
AGHTNVLALQSSAAGSATNVGVQILDRTGAALTLDGATFSSETTLNNGTNTIPFQARYFATGAATPGAANADATFKVQYQ
;
A,B,C,D,E,G
2 'polypeptide(L)'
;ADSTITIRGYVRDNGCSVAAESTNFTVDLMENAAKQFNNIGATTPVVPFRILLSPCGNAVSAVKVGFTGVADSHNANLLA
LENTVSAASGLGIQLLNEQQNQIPLNAPSSALSWTTLTPGKPNTLNFYARLMATQVPVTAGHINATATFTLEYQ
;
F
#
# COMPACT_ATOMS: atom_id res chain seq x y z
N THR A 5 -30.37 21.05 35.20
CA THR A 5 -31.08 21.83 36.21
C THR A 5 -30.10 22.62 37.09
N VAL A 6 -29.11 21.93 37.64
CA VAL A 6 -28.10 22.57 38.48
C VAL A 6 -27.23 23.48 37.62
N ASN A 7 -27.01 24.71 38.09
CA ASN A 7 -26.20 25.66 37.34
C ASN A 7 -24.78 25.17 37.10
N GLY A 8 -24.29 24.26 37.94
CA GLY A 8 -22.94 23.75 37.77
C GLY A 8 -21.90 24.85 37.90
N GLY A 9 -21.00 24.93 36.91
CA GLY A 9 -19.94 25.90 36.93
C GLY A 9 -19.61 26.47 35.56
N THR A 10 -18.55 27.26 35.49
CA THR A 10 -18.12 27.91 34.25
C THR A 10 -16.78 27.35 33.80
N VAL A 11 -16.72 26.94 32.55
CA VAL A 11 -15.49 26.47 31.90
C VAL A 11 -14.99 27.54 30.95
N HIS A 12 -13.75 27.97 31.17
CA HIS A 12 -13.11 28.95 30.30
C HIS A 12 -12.26 28.24 29.25
N PHE A 13 -12.10 28.91 28.11
CA PHE A 13 -11.33 28.39 26.99
C PHE A 13 -10.37 29.48 26.54
N LYS A 14 -9.09 29.13 26.48
CA LYS A 14 -8.03 30.04 26.08
C LYS A 14 -7.21 29.40 24.97
N GLY A 15 -6.65 30.24 24.11
CA GLY A 15 -5.85 29.73 23.02
C GLY A 15 -5.53 30.81 22.02
N GLU A 16 -4.85 30.41 20.94
CA GLU A 16 -4.44 31.35 19.91
C GLU A 16 -4.42 30.67 18.55
N VAL A 17 -4.86 31.39 17.54
CA VAL A 17 -4.71 30.99 16.15
C VAL A 17 -3.57 31.81 15.57
N VAL A 18 -2.44 31.15 15.32
CA VAL A 18 -1.24 31.81 14.86
C VAL A 18 -1.03 31.50 13.38
N ASN A 19 -0.11 32.23 12.75
CA ASN A 19 0.22 32.02 11.34
C ASN A 19 1.40 31.06 11.24
N ALA A 20 1.08 29.78 11.44
CA ALA A 20 2.10 28.74 11.34
C ALA A 20 2.47 28.52 9.88
N ALA A 21 3.75 28.16 9.66
CA ALA A 21 4.25 27.99 8.31
C ALA A 21 3.57 26.83 7.59
N CYS A 22 3.29 25.75 8.30
CA CYS A 22 2.76 24.55 7.68
C CYS A 22 1.47 24.11 8.35
N ALA A 23 0.95 22.94 7.97
CA ALA A 23 -0.21 22.36 8.61
C ALA A 23 -0.04 20.85 8.66
N VAL A 24 -0.28 20.25 9.83
CA VAL A 24 -0.12 18.81 9.96
C VAL A 24 -1.14 18.11 9.10
N ASP A 25 -0.67 17.09 8.36
CA ASP A 25 -1.56 16.36 7.46
C ASP A 25 -2.66 15.66 8.23
N ALA A 26 -3.82 15.52 7.59
CA ALA A 26 -4.96 14.85 8.23
C ALA A 26 -4.64 13.40 8.55
N GLY A 27 -3.75 12.77 7.79
CA GLY A 27 -3.27 11.45 8.17
C GLY A 27 -2.41 11.48 9.41
N SER A 28 -1.56 12.51 9.55
CA SER A 28 -0.60 12.57 10.64
C SER A 28 -1.20 13.07 11.95
N VAL A 29 -2.32 13.81 11.91
CA VAL A 29 -2.89 14.35 13.14
C VAL A 29 -3.26 13.23 14.10
N ASP A 30 -3.74 12.10 13.57
CA ASP A 30 -4.07 10.94 14.38
C ASP A 30 -3.69 9.70 13.59
N GLN A 31 -2.61 9.04 13.98
CA GLN A 31 -2.10 7.87 13.28
C GLN A 31 -1.85 6.73 14.25
N THR A 32 -2.09 5.51 13.78
CA THR A 32 -1.84 4.29 14.55
C THR A 32 -0.61 3.60 13.98
N VAL A 33 0.38 3.37 14.83
CA VAL A 33 1.64 2.74 14.46
C VAL A 33 1.60 1.30 14.96
N GLN A 34 1.49 0.35 14.03
CA GLN A 34 1.48 -1.07 14.35
C GLN A 34 2.92 -1.53 14.55
N LEU A 35 3.40 -1.44 15.78
CA LEU A 35 4.75 -1.92 16.07
C LEU A 35 4.89 -3.39 15.74
N GLY A 36 3.86 -4.18 16.03
CA GLY A 36 3.85 -5.57 15.67
C GLY A 36 3.78 -6.50 16.87
N GLN A 37 4.79 -7.34 17.02
CA GLN A 37 4.84 -8.30 18.11
C GLN A 37 6.30 -8.57 18.44
N VAL A 38 6.62 -8.58 19.73
CA VAL A 38 7.99 -8.75 20.19
C VAL A 38 8.03 -9.94 21.15
N ARG A 39 9.23 -10.44 21.41
CA ARG A 39 9.44 -11.59 22.27
C ARG A 39 10.08 -11.18 23.57
N THR A 40 9.71 -11.86 24.66
CA THR A 40 10.31 -11.59 25.95
C THR A 40 11.78 -11.96 26.00
N ALA A 41 12.23 -12.85 25.10
CA ALA A 41 13.65 -13.18 25.02
C ALA A 41 14.47 -12.00 24.51
N SER A 42 13.90 -11.21 23.60
CA SER A 42 14.57 -9.99 23.15
C SER A 42 14.61 -8.94 24.26
N LEU A 43 13.50 -8.77 24.98
CA LEU A 43 13.42 -7.84 26.09
C LEU A 43 13.62 -8.62 27.39
N ALA A 44 14.88 -8.89 27.71
CA ALA A 44 15.21 -9.75 28.83
C ALA A 44 16.00 -9.06 29.95
N GLN A 45 16.37 -7.80 29.78
CA GLN A 45 17.20 -7.13 30.78
C GLN A 45 16.99 -5.63 30.66
N GLU A 46 17.46 -4.92 31.68
CA GLU A 46 17.43 -3.46 31.67
C GLU A 46 18.22 -2.91 30.49
N GLY A 47 17.61 -1.97 29.77
CA GLY A 47 18.27 -1.35 28.63
C GLY A 47 18.15 -2.12 27.33
N ALA A 48 17.52 -3.30 27.34
CA ALA A 48 17.34 -4.06 26.12
C ALA A 48 16.25 -3.44 25.28
N THR A 49 16.54 -3.22 23.99
CA THR A 49 15.61 -2.58 23.07
C THR A 49 15.26 -3.54 21.94
N SER A 50 14.04 -3.42 21.43
CA SER A 50 13.63 -4.20 20.29
C SER A 50 13.95 -3.44 19.00
N SER A 51 13.56 -4.01 17.87
CA SER A 51 13.76 -3.34 16.60
C SER A 51 12.77 -2.20 16.44
N ALA A 52 13.10 -1.26 15.56
CA ALA A 52 12.36 -0.02 15.41
C ALA A 52 11.37 -0.10 14.26
N VAL A 53 10.23 0.56 14.45
CA VAL A 53 9.20 0.70 13.42
C VAL A 53 9.09 2.19 13.10
N GLY A 54 9.13 2.53 11.81
CA GLY A 54 9.18 3.93 11.41
C GLY A 54 7.80 4.50 11.10
N PHE A 55 7.59 5.72 11.59
CA PHE A 55 6.37 6.48 11.31
C PHE A 55 6.75 7.91 10.97
N ASN A 56 5.91 8.56 10.16
CA ASN A 56 6.21 9.88 9.64
C ASN A 56 5.10 10.86 9.99
N ILE A 57 5.48 12.08 10.35
CA ILE A 57 4.54 13.19 10.47
C ILE A 57 4.69 14.07 9.24
N GLN A 58 3.61 14.20 8.47
CA GLN A 58 3.66 14.91 7.20
C GLN A 58 3.05 16.30 7.38
N LEU A 59 3.79 17.32 6.93
CA LEU A 59 3.35 18.70 6.94
C LEU A 59 3.02 19.12 5.52
N ASN A 60 2.05 20.01 5.37
CA ASN A 60 1.58 20.44 4.07
C ASN A 60 1.47 21.96 4.05
N ASP A 61 1.52 22.51 2.82
CA ASP A 61 1.39 23.94 2.59
C ASP A 61 2.48 24.72 3.32
N CYS A 62 3.67 24.14 3.35
CA CYS A 62 4.80 24.79 4.02
C CYS A 62 5.25 26.01 3.23
N ASP A 63 5.65 27.05 3.96
CA ASP A 63 6.19 28.26 3.36
C ASP A 63 7.53 28.54 4.00
N THR A 64 8.57 28.68 3.17
CA THR A 64 9.90 28.96 3.66
C THR A 64 10.15 30.44 3.92
N ASN A 65 9.23 31.31 3.53
CA ASN A 65 9.32 32.72 3.88
C ASN A 65 8.79 33.01 5.28
N VAL A 66 8.06 32.09 5.87
CA VAL A 66 7.57 32.22 7.24
C VAL A 66 8.49 31.51 8.22
N ALA A 67 8.83 30.25 7.94
CA ALA A 67 9.75 29.49 8.75
C ALA A 67 10.47 28.48 7.85
N SER A 68 11.77 28.31 8.09
CA SER A 68 12.60 27.45 7.25
C SER A 68 12.95 26.12 7.89
N LYS A 69 12.64 25.93 9.17
CA LYS A 69 12.96 24.69 9.86
C LYS A 69 11.81 24.31 10.79
N ALA A 70 11.71 23.02 11.09
CA ALA A 70 10.63 22.52 11.93
C ALA A 70 11.13 21.44 12.87
N ALA A 71 10.52 21.36 14.05
CA ALA A 71 10.86 20.36 15.06
C ALA A 71 9.60 19.87 15.74
N VAL A 72 9.63 18.64 16.25
CA VAL A 72 8.47 18.03 16.88
C VAL A 72 8.82 17.65 18.32
N ALA A 73 7.99 18.06 19.28
CA ALA A 73 8.14 17.71 20.68
C ALA A 73 7.00 16.80 21.11
N PHE A 74 7.34 15.66 21.69
CA PHE A 74 6.38 14.66 22.12
C PHE A 74 6.10 14.78 23.62
N LEU A 75 4.85 14.50 23.99
CA LEU A 75 4.39 14.52 25.37
C LEU A 75 3.67 13.20 25.66
N GLY A 76 4.09 12.52 26.72
CA GLY A 76 3.47 11.27 27.10
C GLY A 76 3.72 10.99 28.56
N THR A 77 3.21 9.85 29.01
CA THR A 77 3.36 9.42 30.40
C THR A 77 4.62 8.57 30.53
N ALA A 78 5.58 9.05 31.30
CA ALA A 78 6.81 8.30 31.52
C ALA A 78 6.54 7.05 32.34
N ILE A 79 7.26 5.97 32.02
CA ILE A 79 7.05 4.71 32.72
C ILE A 79 7.54 4.80 34.16
N ASP A 80 8.63 5.50 34.39
CA ASP A 80 9.22 5.62 35.73
C ASP A 80 10.04 6.91 35.78
N ALA A 81 10.39 7.31 37.00
CA ALA A 81 11.38 8.36 37.18
C ALA A 81 12.74 7.85 36.75
N GLY A 82 13.49 8.69 36.03
CA GLY A 82 14.74 8.27 35.44
C GLY A 82 14.60 7.60 34.09
N HIS A 83 13.38 7.38 33.62
CA HIS A 83 13.13 6.84 32.30
C HIS A 83 12.20 7.77 31.54
N THR A 84 12.53 9.06 31.54
CA THR A 84 11.66 10.07 30.97
C THR A 84 11.46 9.91 29.46
N ASN A 85 12.34 9.17 28.79
CA ASN A 85 12.22 8.96 27.36
C ASN A 85 11.44 7.70 27.01
N VAL A 86 11.00 6.93 28.01
CA VAL A 86 10.28 5.68 27.79
C VAL A 86 8.81 5.91 28.17
N LEU A 87 7.93 5.69 27.20
CA LEU A 87 6.51 5.95 27.39
C LEU A 87 5.81 4.77 28.05
N ALA A 88 4.98 5.06 29.04
CA ALA A 88 4.26 4.02 29.76
C ALA A 88 3.14 3.42 28.92
N LEU A 89 2.93 2.11 29.10
CA LEU A 89 1.92 1.38 28.36
C LEU A 89 0.54 1.55 28.99
N GLN A 90 -0.50 1.41 28.18
CA GLN A 90 -1.86 1.45 28.67
C GLN A 90 -2.23 0.11 29.30
N SER A 91 -3.29 0.12 30.11
CA SER A 91 -3.74 -1.08 30.79
C SER A 91 -4.86 -1.75 30.00
N SER A 92 -4.79 -3.09 29.92
CA SER A 92 -5.76 -3.89 29.22
C SER A 92 -6.48 -4.81 30.20
N ALA A 93 -7.71 -5.20 29.83
CA ALA A 93 -8.51 -6.05 30.70
C ALA A 93 -7.85 -7.41 30.91
N ALA A 94 -7.43 -8.05 29.82
CA ALA A 94 -6.74 -9.34 29.95
C ALA A 94 -5.39 -9.17 30.64
N GLY A 95 -4.67 -8.12 30.31
CA GLY A 95 -3.37 -7.86 30.90
C GLY A 95 -2.49 -7.09 29.93
N SER A 96 -1.53 -6.37 30.49
CA SER A 96 -0.58 -5.60 29.70
C SER A 96 0.84 -5.99 30.07
N ALA A 97 1.76 -5.71 29.16
CA ALA A 97 3.16 -6.06 29.37
C ALA A 97 3.77 -5.19 30.45
N THR A 98 4.49 -5.81 31.37
CA THR A 98 5.18 -5.10 32.44
C THR A 98 6.66 -5.00 32.13
N ASN A 99 7.29 -3.95 32.66
CA ASN A 99 8.71 -3.67 32.45
C ASN A 99 9.03 -3.40 30.98
N VAL A 100 8.05 -2.94 30.22
CA VAL A 100 8.21 -2.61 28.80
C VAL A 100 7.55 -1.26 28.55
N GLY A 101 8.19 -0.43 27.74
CA GLY A 101 7.62 0.85 27.37
C GLY A 101 8.02 1.26 25.98
N VAL A 102 7.14 1.99 25.31
CA VAL A 102 7.44 2.48 23.97
C VAL A 102 8.42 3.63 24.04
N GLN A 103 9.42 3.61 23.17
CA GLN A 103 10.44 4.65 23.11
C GLN A 103 10.47 5.25 21.71
N ILE A 104 10.33 6.56 21.63
CA ILE A 104 10.31 7.27 20.35
C ILE A 104 11.68 7.86 20.09
N LEU A 105 12.26 7.53 18.94
CA LEU A 105 13.56 8.02 18.53
C LEU A 105 13.39 9.29 17.70
N ASP A 106 14.48 9.76 17.09
CA ASP A 106 14.50 10.97 16.29
C ASP A 106 15.02 10.64 14.90
N ARG A 107 15.23 11.68 14.09
CA ARG A 107 15.90 11.51 12.80
C ARG A 107 17.39 11.30 12.95
N THR A 108 17.94 11.49 14.16
CA THR A 108 19.33 11.21 14.44
C THR A 108 19.52 9.93 15.25
N GLY A 109 18.47 9.12 15.38
CA GLY A 109 18.56 7.86 16.09
C GLY A 109 18.59 7.98 17.59
N ALA A 110 18.31 9.15 18.15
CA ALA A 110 18.33 9.38 19.58
C ALA A 110 16.91 9.44 20.13
N ALA A 111 16.67 8.76 21.25
CA ALA A 111 15.35 8.75 21.86
C ALA A 111 15.00 10.12 22.40
N LEU A 112 13.76 10.54 22.16
CA LEU A 112 13.28 11.85 22.58
C LEU A 112 12.78 11.81 24.02
N THR A 113 12.90 12.95 24.69
CA THR A 113 12.40 13.10 26.05
C THR A 113 10.92 13.47 26.00
N LEU A 114 10.08 12.62 26.56
CA LEU A 114 8.62 12.80 26.51
C LEU A 114 8.17 13.72 27.63
N ASP A 115 8.59 14.98 27.53
CA ASP A 115 8.18 16.02 28.47
C ASP A 115 7.27 17.06 27.85
N GLY A 116 7.14 17.11 26.54
CA GLY A 116 6.34 18.12 25.86
C GLY A 116 7.08 19.39 25.55
N ALA A 117 8.35 19.51 25.95
CA ALA A 117 9.14 20.71 25.69
C ALA A 117 10.53 20.42 25.15
N THR A 118 10.98 19.17 25.14
CA THR A 118 12.29 18.81 24.58
C THR A 118 12.07 18.48 23.11
N PHE A 119 12.25 19.49 22.26
CA PHE A 119 11.98 19.32 20.84
C PHE A 119 13.06 18.47 20.18
N SER A 120 12.73 17.94 19.01
CA SER A 120 13.61 17.03 18.29
C SER A 120 14.54 17.83 17.38
N SER A 121 15.35 17.12 16.58
CA SER A 121 16.26 17.77 15.66
C SER A 121 15.48 18.52 14.59
N GLU A 122 15.94 19.72 14.26
CA GLU A 122 15.25 20.59 13.32
C GLU A 122 15.54 20.16 11.89
N THR A 123 14.49 19.92 11.12
CA THR A 123 14.61 19.59 9.71
C THR A 123 14.29 20.83 8.88
N THR A 124 15.11 21.08 7.86
CA THR A 124 14.85 22.19 6.95
C THR A 124 13.61 21.91 6.12
N LEU A 125 12.93 22.97 5.72
CA LEU A 125 11.66 22.86 5.02
C LEU A 125 11.78 23.32 3.58
N ASN A 126 10.99 22.68 2.72
CA ASN A 126 10.83 23.08 1.33
C ASN A 126 9.37 23.46 1.10
N ASN A 127 9.14 24.37 0.16
CA ASN A 127 7.78 24.81 -0.14
C ASN A 127 6.95 23.65 -0.65
N GLY A 128 5.84 23.37 0.04
CA GLY A 128 4.98 22.29 -0.38
C GLY A 128 4.70 21.26 0.70
N THR A 129 5.08 20.02 0.44
CA THR A 129 4.90 18.91 1.36
C THR A 129 6.23 18.52 1.97
N ASN A 130 6.26 18.42 3.29
CA ASN A 130 7.44 17.99 4.03
C ASN A 130 7.08 16.77 4.87
N THR A 131 8.09 15.96 5.20
CA THR A 131 7.85 14.75 5.96
C THR A 131 8.94 14.60 7.03
N ILE A 132 8.54 14.39 8.26
CA ILE A 132 9.44 14.27 9.39
C ILE A 132 9.47 12.80 9.81
N PRO A 133 10.61 12.11 9.69
CA PRO A 133 10.68 10.69 10.05
C PRO A 133 10.96 10.49 11.53
N PHE A 134 10.38 9.41 12.08
CA PHE A 134 10.57 9.04 13.47
C PHE A 134 10.52 7.52 13.55
N GLN A 135 10.94 6.98 14.69
CA GLN A 135 10.95 5.55 14.89
C GLN A 135 10.48 5.23 16.30
N ALA A 136 9.99 4.00 16.49
CA ALA A 136 9.47 3.57 17.79
C ALA A 136 10.00 2.18 18.10
N ARG A 137 10.47 2.01 19.33
CA ARG A 137 11.01 0.75 19.82
C ARG A 137 10.32 0.36 21.12
N TYR A 138 10.70 -0.80 21.63
CA TYR A 138 10.29 -1.29 22.94
C TYR A 138 11.52 -1.30 23.84
N PHE A 139 11.50 -0.47 24.87
CA PHE A 139 12.59 -0.37 25.84
C PHE A 139 12.18 -1.13 27.09
N ALA A 140 13.06 -2.02 27.55
CA ALA A 140 12.80 -2.86 28.70
C ALA A 140 13.41 -2.25 29.94
N THR A 141 12.60 -2.11 30.99
CA THR A 141 13.08 -1.69 32.30
C THR A 141 13.35 -2.87 33.22
N GLY A 142 13.34 -4.08 32.67
CA GLY A 142 13.56 -5.28 33.48
C GLY A 142 13.17 -6.51 32.68
N ALA A 143 12.93 -7.60 33.39
CA ALA A 143 12.43 -8.82 32.76
C ALA A 143 11.01 -8.57 32.26
N ALA A 144 10.81 -8.67 30.95
CA ALA A 144 9.53 -8.37 30.35
C ALA A 144 8.50 -9.47 30.66
N THR A 145 7.24 -9.09 30.58
CA THR A 145 6.10 -9.98 30.80
C THR A 145 5.16 -9.92 29.60
N PRO A 146 4.66 -11.06 29.13
CA PRO A 146 3.72 -11.05 28.00
C PRO A 146 2.48 -10.22 28.29
N GLY A 147 1.95 -9.59 27.24
CA GLY A 147 0.76 -8.78 27.34
C GLY A 147 0.71 -7.76 26.21
N ALA A 148 -0.48 -7.19 26.06
CA ALA A 148 -0.65 -6.13 25.07
C ALA A 148 0.20 -4.92 25.45
N ALA A 149 0.91 -4.39 24.47
CA ALA A 149 1.81 -3.25 24.68
C ALA A 149 1.35 -2.08 23.80
N ASN A 150 0.31 -1.39 24.25
CA ASN A 150 -0.24 -0.23 23.56
C ASN A 150 0.09 1.03 24.33
N ALA A 151 0.35 2.12 23.60
CA ALA A 151 0.64 3.39 24.24
C ALA A 151 0.09 4.52 23.36
N ASP A 152 0.29 5.75 23.80
CA ASP A 152 -0.24 6.90 23.09
C ASP A 152 0.55 8.13 23.52
N ALA A 153 0.96 8.95 22.55
CA ALA A 153 1.69 10.17 22.86
C ALA A 153 1.25 11.30 21.95
N THR A 154 1.15 12.50 22.49
CA THR A 154 0.79 13.67 21.70
C THR A 154 2.05 14.41 21.26
N PHE A 155 1.90 15.30 20.30
CA PHE A 155 3.05 16.02 19.78
C PHE A 155 2.64 17.42 19.34
N LYS A 156 3.63 18.32 19.35
CA LYS A 156 3.50 19.71 18.94
C LYS A 156 4.65 20.07 18.00
N VAL A 157 4.37 20.93 17.03
CA VAL A 157 5.33 21.30 15.99
C VAL A 157 5.78 22.74 16.21
N GLN A 158 7.10 22.95 16.30
CA GLN A 158 7.70 24.26 16.42
C GLN A 158 8.32 24.65 15.09
N TYR A 159 7.78 25.69 14.46
CA TYR A 159 8.31 26.23 13.21
C TYR A 159 9.25 27.38 13.55
N GLN A 160 10.50 27.27 13.14
CA GLN A 160 11.49 28.28 13.47
C GLN A 160 12.35 28.60 12.24
N ALA B 3 9.71 29.36 17.61
CA ALA B 3 9.08 30.67 17.45
C ALA B 3 7.56 30.54 17.42
N THR B 4 7.07 29.49 16.76
CA THR B 4 5.63 29.24 16.62
C THR B 4 5.37 27.77 16.94
N THR B 5 5.16 27.47 18.23
CA THR B 5 4.82 26.13 18.65
C THR B 5 3.31 25.91 18.48
N VAL B 6 2.94 25.00 17.59
CA VAL B 6 1.54 24.71 17.28
C VAL B 6 1.23 23.28 17.66
N ASN B 7 0.05 23.07 18.24
CA ASN B 7 -0.37 21.71 18.59
C ASN B 7 -0.43 20.83 17.35
N GLY B 8 0.15 19.64 17.44
CA GLY B 8 0.23 18.78 16.29
C GLY B 8 -0.79 17.66 16.26
N GLY B 9 -0.93 16.94 17.36
CA GLY B 9 -1.88 15.84 17.35
C GLY B 9 -1.42 14.71 18.26
N THR B 10 -1.85 13.49 17.94
CA THR B 10 -1.56 12.32 18.75
C THR B 10 -1.16 11.14 17.86
N VAL B 11 -0.43 10.20 18.46
CA VAL B 11 0.03 8.97 17.81
C VAL B 11 -0.22 7.82 18.76
N HIS B 12 -0.96 6.80 18.30
CA HIS B 12 -1.26 5.62 19.09
C HIS B 12 -0.41 4.46 18.61
N PHE B 13 0.30 3.81 19.54
CA PHE B 13 1.18 2.68 19.21
C PHE B 13 0.53 1.40 19.67
N LYS B 14 0.44 0.42 18.77
CA LYS B 14 -0.20 -0.86 19.04
C LYS B 14 0.80 -1.99 18.87
N GLY B 15 0.87 -2.88 19.86
CA GLY B 15 1.78 -4.01 19.80
C GLY B 15 1.48 -5.01 20.88
N GLU B 16 2.33 -6.03 20.98
CA GLU B 16 2.13 -7.08 21.97
C GLU B 16 3.44 -7.81 22.24
N VAL B 17 3.75 -8.01 23.52
CA VAL B 17 4.90 -8.80 23.94
C VAL B 17 4.44 -10.22 24.22
N VAL B 18 5.14 -11.21 23.66
CA VAL B 18 4.72 -12.60 23.77
C VAL B 18 5.91 -13.46 24.19
N ASN B 19 5.64 -14.46 25.02
CA ASN B 19 6.65 -15.45 25.41
C ASN B 19 6.62 -16.61 24.43
N ALA B 20 6.99 -16.31 23.19
CA ALA B 20 6.92 -17.26 22.10
C ALA B 20 8.28 -17.44 21.45
N ALA B 21 8.38 -18.47 20.60
CA ALA B 21 9.61 -18.72 19.86
C ALA B 21 9.70 -17.89 18.59
N CYS B 22 8.61 -17.24 18.19
CA CYS B 22 8.60 -16.36 17.03
C CYS B 22 7.74 -15.15 17.37
N ALA B 23 7.78 -14.13 16.51
CA ALA B 23 7.01 -12.92 16.70
C ALA B 23 6.25 -12.60 15.42
N VAL B 24 4.92 -12.53 15.52
CA VAL B 24 4.11 -12.25 14.33
C VAL B 24 4.50 -10.90 13.75
N ASP B 25 4.63 -10.85 12.42
CA ASP B 25 5.08 -9.64 11.75
C ASP B 25 4.08 -8.50 11.91
N ALA B 26 4.59 -7.27 11.84
CA ALA B 26 3.75 -6.10 11.95
C ALA B 26 2.72 -6.04 10.82
N GLY B 27 3.10 -6.45 9.63
CA GLY B 27 2.16 -6.49 8.53
C GLY B 27 1.19 -7.66 8.57
N SER B 28 1.45 -8.62 9.45
CA SER B 28 0.61 -9.81 9.57
C SER B 28 -0.32 -9.78 10.77
N VAL B 29 -0.02 -8.98 11.79
CA VAL B 29 -0.89 -8.93 12.98
C VAL B 29 -2.29 -8.46 12.59
N ASP B 30 -2.38 -7.51 11.65
CA ASP B 30 -3.67 -7.07 11.13
C ASP B 30 -3.50 -6.87 9.63
N GLN B 31 -4.15 -7.72 8.83
CA GLN B 31 -3.98 -7.67 7.38
C GLN B 31 -5.33 -7.67 6.68
N THR B 32 -5.36 -7.10 5.48
CA THR B 32 -6.56 -7.00 4.66
C THR B 32 -6.35 -7.78 3.36
N VAL B 33 -7.11 -8.85 3.19
CA VAL B 33 -7.04 -9.70 2.01
C VAL B 33 -8.19 -9.31 1.08
N GLN B 34 -7.84 -8.75 -0.07
CA GLN B 34 -8.81 -8.37 -1.10
C GLN B 34 -9.12 -9.60 -1.93
N LEU B 35 -10.27 -10.23 -1.68
CA LEU B 35 -10.66 -11.40 -2.45
C LEU B 35 -11.02 -11.04 -3.89
N GLY B 36 -11.60 -9.86 -4.10
CA GLY B 36 -12.00 -9.45 -5.42
C GLY B 36 -13.51 -9.51 -5.61
N GLN B 37 -13.95 -10.11 -6.71
CA GLN B 37 -15.37 -10.30 -6.96
C GLN B 37 -15.61 -11.72 -7.46
N VAL B 38 -16.82 -12.21 -7.22
CA VAL B 38 -17.23 -13.54 -7.65
C VAL B 38 -18.63 -13.43 -8.24
N ARG B 39 -19.00 -14.42 -9.04
CA ARG B 39 -20.27 -14.42 -9.74
C ARG B 39 -21.27 -15.34 -9.05
N THR B 40 -22.53 -14.93 -9.08
CA THR B 40 -23.60 -15.79 -8.57
C THR B 40 -23.68 -17.10 -9.34
N ALA B 41 -23.38 -17.07 -10.65
CA ALA B 41 -23.32 -18.30 -11.42
C ALA B 41 -22.22 -19.21 -10.91
N SER B 42 -21.10 -18.65 -10.46
CA SER B 42 -20.01 -19.46 -9.92
C SER B 42 -20.41 -20.13 -8.61
N LEU B 43 -21.28 -19.49 -7.82
CA LEU B 43 -21.76 -20.05 -6.55
C LEU B 43 -23.27 -20.24 -6.68
N ALA B 44 -23.68 -21.39 -7.21
CA ALA B 44 -25.06 -21.62 -7.57
C ALA B 44 -25.71 -22.78 -6.82
N GLN B 45 -24.96 -23.48 -5.98
CA GLN B 45 -25.50 -24.63 -5.25
C GLN B 45 -24.73 -24.79 -3.95
N GLU B 46 -25.18 -25.72 -3.12
CA GLU B 46 -24.50 -25.99 -1.86
C GLU B 46 -23.21 -26.74 -2.12
N GLY B 47 -22.12 -26.26 -1.53
CA GLY B 47 -20.82 -26.86 -1.73
C GLY B 47 -20.03 -26.29 -2.87
N ALA B 48 -20.64 -25.46 -3.72
CA ALA B 48 -19.92 -24.83 -4.81
C ALA B 48 -18.95 -23.80 -4.26
N THR B 49 -17.70 -23.87 -4.69
CA THR B 49 -16.64 -23.02 -4.17
C THR B 49 -16.01 -22.21 -5.30
N SER B 50 -15.63 -20.99 -4.98
CA SER B 50 -14.98 -20.11 -5.96
C SER B 50 -13.48 -20.40 -5.97
N SER B 51 -12.73 -19.58 -6.69
CA SER B 51 -11.28 -19.69 -6.64
C SER B 51 -10.77 -19.12 -5.31
N ALA B 52 -9.48 -19.28 -5.08
CA ALA B 52 -8.87 -18.95 -3.81
C ALA B 52 -7.79 -17.90 -3.98
N VAL B 53 -7.77 -16.92 -3.09
CA VAL B 53 -6.67 -15.97 -3.03
C VAL B 53 -5.73 -16.42 -1.92
N GLY B 54 -4.49 -15.93 -1.98
CA GLY B 54 -3.45 -16.34 -1.05
C GLY B 54 -3.05 -15.20 -0.12
N PHE B 55 -3.01 -15.50 1.17
CA PHE B 55 -2.52 -14.57 2.17
C PHE B 55 -1.51 -15.28 3.07
N ASN B 56 -0.47 -14.57 3.47
CA ASN B 56 0.64 -15.16 4.19
C ASN B 56 0.75 -14.56 5.58
N ILE B 57 1.18 -15.39 6.53
CA ILE B 57 1.44 -14.96 7.90
C ILE B 57 2.94 -15.08 8.15
N GLN B 58 3.59 -13.96 8.42
CA GLN B 58 5.02 -13.92 8.61
C GLN B 58 5.38 -13.90 10.09
N LEU B 59 6.38 -14.72 10.44
CA LEU B 59 6.88 -14.87 11.80
C LEU B 59 8.35 -14.48 11.79
N ASN B 60 8.65 -13.29 12.29
CA ASN B 60 10.02 -12.81 12.38
C ASN B 60 10.66 -13.28 13.68
N ASP B 61 12.00 -13.20 13.72
CA ASP B 61 12.80 -13.53 14.90
C ASP B 61 12.41 -14.90 15.46
N CYS B 62 12.60 -15.92 14.64
CA CYS B 62 12.26 -17.29 15.01
C CYS B 62 13.49 -18.00 15.54
N ASP B 63 13.35 -18.66 16.70
CA ASP B 63 14.42 -19.43 17.30
C ASP B 63 13.99 -20.90 17.30
N THR B 64 14.69 -21.72 16.51
CA THR B 64 14.32 -23.13 16.39
C THR B 64 14.75 -23.95 17.60
N ASN B 65 15.67 -23.44 18.42
CA ASN B 65 16.04 -24.14 19.64
C ASN B 65 14.90 -24.14 20.66
N VAL B 66 13.94 -23.24 20.51
CA VAL B 66 12.79 -23.15 21.40
C VAL B 66 11.60 -23.93 20.86
N ALA B 67 11.33 -23.79 19.56
CA ALA B 67 10.25 -24.51 18.91
C ALA B 67 10.60 -24.70 17.44
N SER B 68 10.31 -25.89 16.92
CA SER B 68 10.68 -26.23 15.55
C SER B 68 9.54 -26.16 14.56
N LYS B 69 8.28 -26.19 15.01
CA LYS B 69 7.14 -26.19 14.12
C LYS B 69 6.09 -25.21 14.62
N ALA B 70 5.32 -24.66 13.67
CA ALA B 70 4.30 -23.68 13.97
C ALA B 70 2.98 -24.05 13.30
N ALA B 71 1.88 -23.74 13.98
CA ALA B 71 0.53 -23.95 13.45
C ALA B 71 -0.31 -22.73 13.79
N VAL B 72 -1.38 -22.52 13.03
CA VAL B 72 -2.26 -21.37 13.20
C VAL B 72 -3.69 -21.83 13.32
N ALA B 73 -4.41 -21.32 14.32
CA ALA B 73 -5.82 -21.63 14.54
C ALA B 73 -6.64 -20.36 14.41
N PHE B 74 -7.69 -20.43 13.59
CA PHE B 74 -8.55 -19.28 13.31
C PHE B 74 -9.86 -19.36 14.08
N LEU B 75 -10.46 -18.20 14.30
CA LEU B 75 -11.69 -18.08 15.05
C LEU B 75 -12.55 -16.99 14.42
N GLY B 76 -13.83 -17.32 14.22
CA GLY B 76 -14.79 -16.40 13.63
C GLY B 76 -16.17 -17.00 13.73
N THR B 77 -17.16 -16.16 13.44
CA THR B 77 -18.55 -16.59 13.51
C THR B 77 -18.88 -17.46 12.30
N ALA B 78 -19.49 -18.61 12.55
CA ALA B 78 -19.86 -19.53 11.48
C ALA B 78 -21.19 -19.13 10.86
N ILE B 79 -21.33 -19.43 9.56
CA ILE B 79 -22.54 -19.03 8.84
C ILE B 79 -23.74 -19.85 9.32
N ASP B 80 -23.56 -21.16 9.51
CA ASP B 80 -24.60 -22.02 10.05
C ASP B 80 -23.97 -22.98 11.05
N ALA B 81 -24.81 -23.74 11.74
CA ALA B 81 -24.31 -24.79 12.62
C ALA B 81 -23.73 -25.95 11.80
N GLY B 82 -24.33 -26.24 10.65
CA GLY B 82 -23.83 -27.32 9.82
C GLY B 82 -22.46 -27.04 9.23
N HIS B 83 -22.22 -25.79 8.84
CA HIS B 83 -20.95 -25.39 8.21
C HIS B 83 -20.08 -24.71 9.26
N THR B 84 -19.24 -25.49 9.93
CA THR B 84 -18.35 -24.96 10.95
C THR B 84 -17.04 -24.45 10.39
N ASN B 85 -16.67 -24.84 9.17
CA ASN B 85 -15.45 -24.36 8.54
C ASN B 85 -15.69 -23.15 7.63
N VAL B 86 -16.91 -22.64 7.58
CA VAL B 86 -17.28 -21.51 6.73
C VAL B 86 -17.59 -20.32 7.63
N LEU B 87 -17.15 -19.14 7.23
CA LEU B 87 -17.19 -17.96 8.08
C LEU B 87 -18.29 -17.02 7.59
N ALA B 88 -19.14 -16.57 8.50
CA ALA B 88 -20.26 -15.73 8.15
C ALA B 88 -19.82 -14.33 7.75
N LEU B 89 -20.58 -13.73 6.84
CA LEU B 89 -20.25 -12.40 6.34
C LEU B 89 -20.82 -11.33 7.27
N GLN B 90 -20.16 -10.17 7.29
CA GLN B 90 -20.64 -9.05 8.07
C GLN B 90 -21.87 -8.42 7.41
N SER B 91 -22.67 -7.75 8.23
CA SER B 91 -23.82 -7.03 7.74
C SER B 91 -23.40 -5.72 7.10
N SER B 92 -24.05 -5.36 6.00
CA SER B 92 -23.73 -4.15 5.25
C SER B 92 -25.00 -3.33 5.06
N ALA B 93 -24.84 -2.00 5.12
CA ALA B 93 -26.00 -1.11 4.96
C ALA B 93 -26.60 -1.21 3.57
N ALA B 94 -25.75 -1.25 2.55
CA ALA B 94 -26.26 -1.34 1.18
C ALA B 94 -26.89 -2.69 0.89
N GLY B 95 -26.49 -3.73 1.61
CA GLY B 95 -26.98 -5.07 1.36
C GLY B 95 -25.87 -6.07 1.26
N SER B 96 -25.94 -7.14 2.06
CA SER B 96 -24.90 -8.16 2.11
C SER B 96 -25.37 -9.43 1.42
N ALA B 97 -24.39 -10.19 0.92
CA ALA B 97 -24.69 -11.42 0.21
C ALA B 97 -25.15 -12.51 1.19
N THR B 98 -26.07 -13.34 0.73
CA THR B 98 -26.60 -14.44 1.52
C THR B 98 -26.21 -15.77 0.90
N ASN B 99 -26.28 -16.82 1.74
CA ASN B 99 -25.96 -18.18 1.33
C ASN B 99 -24.53 -18.31 0.81
N VAL B 100 -23.60 -17.56 1.39
CA VAL B 100 -22.20 -17.62 0.99
C VAL B 100 -21.35 -17.13 2.16
N GLY B 101 -20.20 -17.77 2.35
CA GLY B 101 -19.24 -17.37 3.37
C GLY B 101 -17.81 -17.51 2.91
N VAL B 102 -16.87 -17.39 3.84
CA VAL B 102 -15.45 -17.46 3.55
C VAL B 102 -14.86 -18.68 4.23
N GLN B 103 -14.07 -19.45 3.49
CA GLN B 103 -13.48 -20.70 3.94
C GLN B 103 -11.97 -20.56 3.84
N ILE B 104 -11.28 -20.73 4.96
CA ILE B 104 -9.82 -20.61 5.04
C ILE B 104 -9.18 -21.98 4.90
N LEU B 105 -8.18 -22.08 4.02
CA LEU B 105 -7.44 -23.30 3.75
C LEU B 105 -5.98 -23.13 4.15
N ASP B 106 -5.36 -24.22 4.58
CA ASP B 106 -3.97 -24.23 5.01
C ASP B 106 -3.08 -24.70 3.87
N ARG B 107 -1.81 -24.97 4.18
CA ARG B 107 -0.85 -25.37 3.15
C ARG B 107 -1.13 -26.75 2.58
N THR B 108 -2.03 -27.53 3.19
CA THR B 108 -2.43 -28.82 2.66
C THR B 108 -3.72 -28.72 1.84
N GLY B 109 -4.21 -27.52 1.59
CA GLY B 109 -5.43 -27.34 0.82
C GLY B 109 -6.67 -27.89 1.47
N ALA B 110 -6.75 -27.83 2.80
CA ALA B 110 -7.88 -28.33 3.55
C ALA B 110 -8.49 -27.20 4.37
N ALA B 111 -9.82 -27.18 4.45
CA ALA B 111 -10.50 -26.15 5.21
C ALA B 111 -10.23 -26.31 6.71
N LEU B 112 -10.25 -25.18 7.41
CA LEU B 112 -9.94 -25.13 8.83
C LEU B 112 -11.22 -24.83 9.61
N THR B 113 -11.46 -25.58 10.68
CA THR B 113 -12.57 -25.27 11.56
C THR B 113 -12.29 -23.98 12.31
N LEU B 114 -13.22 -23.04 12.23
CA LEU B 114 -13.01 -21.68 12.73
C LEU B 114 -13.57 -21.53 14.14
N ASP B 115 -13.05 -22.35 15.06
CA ASP B 115 -13.45 -22.28 16.47
C ASP B 115 -12.31 -21.91 17.41
N GLY B 116 -11.08 -21.78 16.93
CA GLY B 116 -9.99 -21.39 17.79
C GLY B 116 -9.26 -22.53 18.47
N ALA B 117 -9.70 -23.76 18.28
CA ALA B 117 -9.07 -24.91 18.92
C ALA B 117 -8.50 -25.92 17.95
N THR B 118 -8.89 -25.89 16.68
CA THR B 118 -8.37 -26.79 15.66
C THR B 118 -7.27 -26.07 14.89
N PHE B 119 -6.02 -26.48 15.13
CA PHE B 119 -4.88 -25.84 14.49
C PHE B 119 -4.60 -26.48 13.14
N SER B 120 -3.99 -25.71 12.25
CA SER B 120 -3.73 -26.15 10.89
C SER B 120 -2.56 -27.14 10.89
N SER B 121 -2.12 -27.53 9.70
CA SER B 121 -1.00 -28.46 9.58
C SER B 121 0.29 -27.78 9.99
N GLU B 122 1.12 -28.51 10.73
CA GLU B 122 2.35 -27.93 11.27
C GLU B 122 3.34 -27.64 10.15
N THR B 123 3.99 -26.48 10.24
CA THR B 123 5.01 -26.07 9.28
C THR B 123 6.34 -25.96 9.99
N THR B 124 7.37 -26.58 9.41
CA THR B 124 8.70 -26.52 9.97
C THR B 124 9.28 -25.12 9.81
N LEU B 125 9.89 -24.62 10.88
CA LEU B 125 10.41 -23.26 10.90
C LEU B 125 11.93 -23.26 10.80
N ASN B 126 12.46 -22.22 10.18
CA ASN B 126 13.89 -21.98 10.15
C ASN B 126 14.22 -20.89 11.17
N ASN B 127 15.49 -20.48 11.21
CA ASN B 127 15.92 -19.40 12.09
C ASN B 127 15.73 -18.07 11.38
N GLY B 128 14.86 -17.22 11.93
CA GLY B 128 14.64 -15.91 11.36
C GLY B 128 13.25 -15.72 10.79
N THR B 129 13.18 -15.25 9.55
CA THR B 129 11.90 -14.99 8.90
C THR B 129 11.27 -16.29 8.43
N ASN B 130 9.99 -16.46 8.76
CA ASN B 130 9.21 -17.62 8.32
C ASN B 130 7.90 -17.14 7.73
N THR B 131 7.42 -17.82 6.69
CA THR B 131 6.18 -17.45 6.04
C THR B 131 5.27 -18.65 5.94
N ILE B 132 4.06 -18.53 6.45
CA ILE B 132 3.06 -19.60 6.42
C ILE B 132 1.99 -19.22 5.42
N PRO B 133 1.79 -19.99 4.35
CA PRO B 133 0.78 -19.65 3.34
C PRO B 133 -0.61 -20.16 3.71
N PHE B 134 -1.61 -19.34 3.42
CA PHE B 134 -3.00 -19.69 3.63
C PHE B 134 -3.78 -19.21 2.42
N GLN B 135 -5.02 -19.69 2.30
CA GLN B 135 -5.84 -19.30 1.15
C GLN B 135 -7.28 -19.07 1.59
N ALA B 136 -7.88 -18.01 1.08
CA ALA B 136 -9.28 -17.70 1.34
C ALA B 136 -10.11 -18.02 0.11
N ARG B 137 -11.28 -18.60 0.32
CA ARG B 137 -12.12 -19.03 -0.79
C ARG B 137 -13.58 -18.83 -0.44
N TYR B 138 -14.38 -18.48 -1.44
CA TYR B 138 -15.82 -18.33 -1.21
C TYR B 138 -16.49 -19.70 -1.22
N PHE B 139 -17.36 -19.94 -0.23
CA PHE B 139 -18.11 -21.20 -0.15
C PHE B 139 -19.59 -20.89 -0.14
N ALA B 140 -20.32 -21.50 -1.06
CA ALA B 140 -21.76 -21.28 -1.17
C ALA B 140 -22.51 -22.34 -0.37
N THR B 141 -23.26 -21.91 0.64
CA THR B 141 -24.08 -22.80 1.44
C THR B 141 -25.47 -23.01 0.83
N GLY B 142 -25.74 -22.39 -0.32
CA GLY B 142 -26.99 -22.53 -1.03
C GLY B 142 -26.90 -21.89 -2.39
N ALA B 143 -27.92 -21.14 -2.78
CA ALA B 143 -27.89 -20.32 -3.99
C ALA B 143 -27.53 -18.89 -3.58
N ALA B 144 -26.32 -18.47 -3.91
CA ALA B 144 -25.81 -17.18 -3.47
C ALA B 144 -26.59 -16.03 -4.10
N THR B 145 -26.63 -14.90 -3.41
CA THR B 145 -27.30 -13.70 -3.86
C THR B 145 -26.33 -12.52 -3.84
N PRO B 146 -26.53 -11.54 -4.72
CA PRO B 146 -25.58 -10.43 -4.80
C PRO B 146 -25.52 -9.60 -3.52
N GLY B 147 -24.35 -9.04 -3.28
CA GLY B 147 -24.12 -8.18 -2.13
C GLY B 147 -22.66 -8.20 -1.72
N ALA B 148 -22.31 -7.23 -0.88
CA ALA B 148 -20.95 -7.19 -0.33
C ALA B 148 -20.70 -8.41 0.54
N ALA B 149 -19.48 -8.95 0.48
CA ALA B 149 -19.11 -10.14 1.22
C ALA B 149 -17.81 -9.87 1.98
N ASN B 150 -17.92 -9.20 3.12
CA ASN B 150 -16.78 -8.92 3.98
C ASN B 150 -16.81 -9.83 5.19
N ALA B 151 -15.64 -10.11 5.74
CA ALA B 151 -15.54 -10.99 6.90
C ALA B 151 -14.28 -10.67 7.67
N ASP B 152 -14.19 -11.19 8.89
CA ASP B 152 -12.98 -11.01 9.69
C ASP B 152 -12.79 -12.25 10.57
N ALA B 153 -11.53 -12.56 10.84
CA ALA B 153 -11.19 -13.72 11.63
C ALA B 153 -9.93 -13.46 12.44
N THR B 154 -9.96 -13.85 13.72
CA THR B 154 -8.78 -13.70 14.56
C THR B 154 -8.04 -15.03 14.64
N PHE B 155 -6.72 -14.97 14.65
CA PHE B 155 -5.92 -16.18 14.66
C PHE B 155 -4.91 -16.16 15.78
N LYS B 156 -4.58 -17.36 16.26
CA LYS B 156 -3.55 -17.58 17.27
C LYS B 156 -2.55 -18.59 16.73
N VAL B 157 -1.31 -18.51 17.22
CA VAL B 157 -0.22 -19.33 16.70
C VAL B 157 0.29 -20.23 17.81
N GLN B 158 0.41 -21.52 17.51
CA GLN B 158 0.96 -22.51 18.42
C GLN B 158 2.35 -22.93 17.94
N TYR B 159 3.29 -23.00 18.87
CA TYR B 159 4.67 -23.38 18.58
C TYR B 159 4.99 -24.68 19.30
N GLN B 160 5.28 -25.73 18.54
CA GLN B 160 5.70 -26.99 19.11
C GLN B 160 7.22 -27.07 19.21
N ALA C 3 1.97 -26.61 22.10
CA ALA C 3 2.66 -26.33 23.34
C ALA C 3 2.38 -24.91 23.81
N THR C 4 3.01 -23.94 23.15
CA THR C 4 2.83 -22.52 23.48
C THR C 4 1.89 -21.90 22.46
N THR C 5 0.69 -21.56 22.91
CA THR C 5 -0.31 -20.92 22.06
C THR C 5 -0.28 -19.41 22.30
N VAL C 6 -0.12 -18.64 21.24
CA VAL C 6 0.07 -17.20 21.32
C VAL C 6 -0.92 -16.53 20.37
N ASN C 7 -1.61 -15.50 20.86
CA ASN C 7 -2.55 -14.76 20.03
C ASN C 7 -1.82 -14.04 18.90
N GLY C 8 -2.09 -14.45 17.66
CA GLY C 8 -1.42 -13.88 16.52
C GLY C 8 -1.95 -12.53 16.09
N GLY C 9 -3.15 -12.51 15.53
CA GLY C 9 -3.73 -11.26 15.05
C GLY C 9 -5.07 -11.36 14.35
N THR C 10 -5.31 -10.52 13.34
CA THR C 10 -6.61 -10.45 12.67
C THR C 10 -6.44 -10.34 11.16
N VAL C 11 -7.33 -11.04 10.43
CA VAL C 11 -7.39 -10.99 8.98
C VAL C 11 -8.77 -10.52 8.57
N HIS C 12 -8.83 -9.49 7.72
CA HIS C 12 -10.07 -8.92 7.21
C HIS C 12 -10.17 -9.23 5.73
N PHE C 13 -11.24 -9.91 5.33
CA PHE C 13 -11.46 -10.30 3.95
C PHE C 13 -12.49 -9.38 3.32
N LYS C 14 -12.15 -8.80 2.17
CA LYS C 14 -13.01 -7.84 1.49
C LYS C 14 -13.33 -8.33 0.08
N GLY C 15 -14.62 -8.42 -0.24
CA GLY C 15 -15.03 -8.88 -1.55
C GLY C 15 -16.52 -8.64 -1.75
N GLU C 16 -16.99 -9.04 -2.93
CA GLU C 16 -18.39 -8.81 -3.30
C GLU C 16 -18.89 -9.90 -4.24
N VAL C 17 -20.07 -10.44 -3.94
CA VAL C 17 -20.75 -11.38 -4.84
C VAL C 17 -21.64 -10.58 -5.77
N VAL C 18 -21.49 -10.77 -7.08
CA VAL C 18 -22.21 -9.98 -8.06
C VAL C 18 -22.85 -10.89 -9.09
N ASN C 19 -24.07 -10.54 -9.51
CA ASN C 19 -24.77 -11.23 -10.59
C ASN C 19 -24.47 -10.48 -11.88
N ALA C 20 -23.58 -11.03 -12.69
CA ALA C 20 -23.08 -10.33 -13.86
C ALA C 20 -22.53 -11.35 -14.85
N ALA C 21 -21.79 -10.86 -15.84
CA ALA C 21 -21.08 -11.71 -16.78
C ALA C 21 -19.61 -11.88 -16.45
N CYS C 22 -19.03 -10.94 -15.70
CA CYS C 22 -17.63 -10.98 -15.34
C CYS C 22 -17.50 -10.53 -13.89
N ALA C 23 -16.35 -10.83 -13.29
CA ALA C 23 -16.04 -10.39 -11.94
C ALA C 23 -14.77 -9.56 -11.98
N VAL C 24 -14.83 -8.37 -11.38
CA VAL C 24 -13.66 -7.49 -11.40
C VAL C 24 -12.53 -8.12 -10.61
N ASP C 25 -11.30 -7.97 -11.11
CA ASP C 25 -10.15 -8.60 -10.50
C ASP C 25 -9.88 -8.03 -9.12
N ALA C 26 -9.21 -8.82 -8.29
CA ALA C 26 -8.88 -8.39 -6.93
C ALA C 26 -7.93 -7.19 -6.95
N GLY C 27 -7.10 -7.07 -7.97
CA GLY C 27 -6.24 -5.90 -8.11
C GLY C 27 -6.91 -4.72 -8.77
N SER C 28 -8.06 -4.91 -9.42
CA SER C 28 -8.77 -3.84 -10.08
C SER C 28 -9.93 -3.28 -9.27
N VAL C 29 -10.45 -4.04 -8.30
CA VAL C 29 -11.54 -3.53 -7.47
C VAL C 29 -11.08 -2.37 -6.59
N ASP C 30 -9.78 -2.24 -6.34
CA ASP C 30 -9.25 -1.13 -5.53
C ASP C 30 -7.81 -0.93 -5.97
N GLN C 31 -7.57 0.10 -6.77
CA GLN C 31 -6.22 0.33 -7.30
C GLN C 31 -5.76 1.75 -7.01
N THR C 32 -4.44 1.91 -7.01
CA THR C 32 -3.77 3.19 -6.71
C THR C 32 -2.80 3.51 -7.86
N VAL C 33 -3.30 4.24 -8.85
CA VAL C 33 -2.47 4.64 -9.98
C VAL C 33 -1.69 5.91 -9.62
N GLN C 34 -0.38 5.87 -9.88
CA GLN C 34 0.53 6.97 -9.58
C GLN C 34 0.80 7.74 -10.86
N LEU C 35 0.26 8.97 -10.95
CA LEU C 35 0.46 9.79 -12.13
C LEU C 35 1.87 10.38 -12.18
N GLY C 36 2.42 10.76 -11.03
CA GLY C 36 3.71 11.41 -10.98
C GLY C 36 3.60 12.93 -10.99
N GLN C 37 4.77 13.56 -10.94
CA GLN C 37 4.82 15.01 -10.83
C GLN C 37 4.68 15.68 -12.20
N VAL C 38 4.17 16.90 -12.19
CA VAL C 38 3.95 17.69 -13.39
C VAL C 38 4.28 19.15 -13.08
N ARG C 39 4.83 19.85 -14.06
CA ARG C 39 5.19 21.24 -13.86
C ARG C 39 3.98 22.16 -14.07
N THR C 40 4.05 23.35 -13.49
CA THR C 40 3.01 24.34 -13.68
C THR C 40 3.08 25.01 -15.04
N ALA C 41 4.25 24.96 -15.69
CA ALA C 41 4.36 25.53 -17.04
C ALA C 41 3.48 24.77 -18.02
N SER C 42 3.38 23.46 -17.87
CA SER C 42 2.50 22.66 -18.73
C SER C 42 1.03 22.94 -18.47
N LEU C 43 0.70 23.54 -17.33
CA LEU C 43 -0.67 23.79 -16.92
C LEU C 43 -0.91 25.26 -16.65
N ALA C 44 -0.28 26.13 -17.43
CA ALA C 44 -0.30 27.57 -17.19
C ALA C 44 -1.52 28.28 -17.78
N GLN C 45 -2.42 27.58 -18.46
CA GLN C 45 -3.56 28.26 -19.06
C GLN C 45 -4.75 27.31 -19.13
N GLU C 46 -5.93 27.89 -19.35
CA GLU C 46 -7.16 27.14 -19.42
C GLU C 46 -7.12 26.09 -20.52
N GLY C 47 -7.55 24.87 -20.19
CA GLY C 47 -7.59 23.79 -21.16
C GLY C 47 -6.26 23.10 -21.40
N ALA C 48 -5.19 23.52 -20.71
CA ALA C 48 -3.90 22.87 -20.86
C ALA C 48 -3.90 21.53 -20.14
N THR C 49 -3.48 20.49 -20.84
CA THR C 49 -3.48 19.13 -20.31
C THR C 49 -2.07 18.57 -20.27
N SER C 50 -1.76 17.85 -19.20
CA SER C 50 -0.47 17.18 -19.09
C SER C 50 -0.52 15.87 -19.86
N SER C 51 0.55 15.08 -19.77
CA SER C 51 0.55 13.76 -20.38
C SER C 51 -0.36 12.82 -19.60
N ALA C 52 -0.73 11.72 -20.25
CA ALA C 52 -1.74 10.81 -19.71
C ALA C 52 -1.09 9.50 -19.31
N VAL C 53 -1.11 9.20 -18.02
CA VAL C 53 -0.70 7.90 -17.51
C VAL C 53 -1.81 6.89 -17.81
N GLY C 54 -1.44 5.63 -17.97
CA GLY C 54 -2.37 4.58 -18.38
C GLY C 54 -2.62 3.59 -17.25
N PHE C 55 -3.88 3.20 -17.08
CA PHE C 55 -4.25 2.14 -16.16
C PHE C 55 -5.30 1.28 -16.84
N ASN C 56 -5.60 0.13 -16.26
CA ASN C 56 -6.59 -0.73 -16.88
C ASN C 56 -7.35 -1.53 -15.83
N ILE C 57 -8.55 -1.96 -16.21
CA ILE C 57 -9.43 -2.73 -15.35
C ILE C 57 -9.57 -4.12 -15.92
N GLN C 58 -9.29 -5.13 -15.10
CA GLN C 58 -9.33 -6.52 -15.54
C GLN C 58 -10.57 -7.21 -15.01
N LEU C 59 -11.30 -7.86 -15.91
CA LEU C 59 -12.51 -8.60 -15.60
C LEU C 59 -12.24 -10.08 -15.87
N ASN C 60 -12.42 -10.92 -14.86
CA ASN C 60 -12.15 -12.34 -14.96
C ASN C 60 -13.44 -13.12 -15.06
N ASP C 61 -13.31 -14.36 -15.54
CA ASP C 61 -14.43 -15.30 -15.61
C ASP C 61 -15.57 -14.73 -16.45
N CYS C 62 -15.21 -14.14 -17.59
CA CYS C 62 -16.20 -13.53 -18.47
C CYS C 62 -16.93 -14.60 -19.26
N ASP C 63 -18.25 -14.45 -19.37
CA ASP C 63 -19.08 -15.33 -20.17
C ASP C 63 -19.72 -14.50 -21.28
N THR C 64 -19.47 -14.89 -22.53
CA THR C 64 -20.02 -14.18 -23.68
C THR C 64 -21.40 -14.70 -24.07
N ASN C 65 -21.90 -15.73 -23.41
CA ASN C 65 -23.26 -16.21 -23.68
C ASN C 65 -24.31 -15.41 -22.92
N VAL C 66 -23.92 -14.57 -21.99
CA VAL C 66 -24.86 -13.70 -21.28
C VAL C 66 -24.60 -12.22 -21.53
N ALA C 67 -23.39 -11.84 -21.93
CA ALA C 67 -23.07 -10.45 -22.25
C ALA C 67 -21.76 -10.39 -23.03
N SER C 68 -21.76 -9.74 -24.19
CA SER C 68 -20.61 -9.72 -25.07
C SER C 68 -19.86 -8.40 -25.07
N LYS C 69 -20.34 -7.40 -24.33
CA LYS C 69 -19.70 -6.09 -24.30
C LYS C 69 -19.74 -5.55 -22.87
N ALA C 70 -18.75 -4.71 -22.54
CA ALA C 70 -18.66 -4.12 -21.22
C ALA C 70 -18.35 -2.63 -21.34
N ALA C 71 -18.87 -1.85 -20.39
CA ALA C 71 -18.63 -0.41 -20.33
C ALA C 71 -18.47 -0.01 -18.87
N VAL C 72 -17.60 0.96 -18.61
CA VAL C 72 -17.29 1.39 -17.25
C VAL C 72 -17.64 2.86 -17.09
N ALA C 73 -18.38 3.19 -16.03
CA ALA C 73 -18.75 4.55 -15.70
C ALA C 73 -18.13 4.94 -14.37
N PHE C 74 -17.43 6.06 -14.35
CA PHE C 74 -16.76 6.55 -13.15
C PHE C 74 -17.61 7.63 -12.47
N LEU C 75 -17.48 7.71 -11.15
CA LEU C 75 -18.19 8.69 -10.35
C LEU C 75 -17.20 9.35 -9.41
N GLY C 76 -17.32 10.66 -9.29
CA GLY C 76 -16.45 11.43 -8.41
C GLY C 76 -17.01 12.82 -8.23
N THR C 77 -16.20 13.67 -7.59
CA THR C 77 -16.57 15.05 -7.35
C THR C 77 -16.01 15.93 -8.47
N ALA C 78 -16.91 16.55 -9.24
CA ALA C 78 -16.47 17.44 -10.30
C ALA C 78 -15.76 18.66 -9.72
N ILE C 79 -14.76 19.15 -10.44
CA ILE C 79 -13.97 20.27 -9.94
C ILE C 79 -14.81 21.54 -9.84
N ASP C 80 -15.75 21.73 -10.77
CA ASP C 80 -16.71 22.82 -10.71
C ASP C 80 -17.89 22.47 -11.62
N ALA C 81 -18.85 23.38 -11.69
CA ALA C 81 -20.03 23.13 -12.51
C ALA C 81 -19.68 23.10 -13.99
N GLY C 82 -18.78 23.98 -14.44
CA GLY C 82 -18.45 24.04 -15.85
C GLY C 82 -17.74 22.80 -16.35
N HIS C 83 -16.76 22.30 -15.60
CA HIS C 83 -15.95 21.15 -16.01
C HIS C 83 -16.46 19.92 -15.26
N THR C 84 -17.45 19.25 -15.84
CA THR C 84 -18.02 18.06 -15.21
C THR C 84 -17.20 16.80 -15.47
N ASN C 85 -16.30 16.82 -16.44
CA ASN C 85 -15.45 15.67 -16.73
C ASN C 85 -14.07 15.78 -16.08
N VAL C 86 -13.83 16.82 -15.30
CA VAL C 86 -12.58 17.01 -14.58
C VAL C 86 -12.85 16.76 -13.11
N LEU C 87 -12.06 15.87 -12.50
CA LEU C 87 -12.30 15.41 -11.15
C LEU C 87 -11.59 16.30 -10.14
N ALA C 88 -12.28 16.60 -9.04
CA ALA C 88 -11.74 17.49 -8.04
C ALA C 88 -10.68 16.79 -7.20
N LEU C 89 -9.75 17.58 -6.67
CA LEU C 89 -8.65 17.08 -5.87
C LEU C 89 -9.07 16.93 -4.42
N GLN C 90 -8.43 15.98 -3.73
CA GLN C 90 -8.76 15.70 -2.34
C GLN C 90 -8.53 16.95 -1.48
N SER C 91 -9.61 17.47 -0.92
CA SER C 91 -9.56 18.66 -0.08
C SER C 91 -9.59 18.33 1.41
N SER C 92 -9.40 17.07 1.79
CA SER C 92 -9.40 16.68 3.19
C SER C 92 -8.22 17.25 3.96
N ALA C 93 -7.21 17.77 3.27
CA ALA C 93 -6.05 18.37 3.91
C ALA C 93 -5.66 19.63 3.16
N ALA C 94 -4.76 20.40 3.77
CA ALA C 94 -4.29 21.64 3.17
C ALA C 94 -3.17 21.36 2.18
N GLY C 95 -2.67 22.42 1.55
CA GLY C 95 -1.57 22.28 0.61
C GLY C 95 -1.89 21.46 -0.61
N SER C 96 -3.07 21.67 -1.20
CA SER C 96 -3.46 21.00 -2.42
C SER C 96 -3.35 21.97 -3.60
N ALA C 97 -3.15 21.41 -4.78
CA ALA C 97 -3.00 22.25 -5.97
C ALA C 97 -4.34 22.84 -6.38
N THR C 98 -4.32 24.10 -6.81
CA THR C 98 -5.51 24.82 -7.22
C THR C 98 -5.53 25.01 -8.72
N ASN C 99 -6.74 25.21 -9.26
CA ASN C 99 -6.95 25.43 -10.68
C ASN C 99 -6.45 24.26 -11.52
N VAL C 100 -6.59 23.04 -10.99
CA VAL C 100 -6.18 21.84 -11.72
C VAL C 100 -6.97 20.67 -11.15
N GLY C 101 -7.26 19.70 -12.01
CA GLY C 101 -7.93 18.47 -11.63
C GLY C 101 -7.41 17.33 -12.47
N VAL C 102 -7.99 16.15 -12.27
CA VAL C 102 -7.60 14.95 -13.01
C VAL C 102 -8.75 14.56 -13.93
N GLN C 103 -8.39 14.11 -15.13
CA GLN C 103 -9.35 13.79 -16.19
C GLN C 103 -9.14 12.35 -16.62
N ILE C 104 -10.21 11.57 -16.65
CA ILE C 104 -10.16 10.16 -17.00
C ILE C 104 -10.64 9.99 -18.43
N LEU C 105 -9.88 9.21 -19.21
CA LEU C 105 -10.09 9.02 -20.64
C LEU C 105 -10.37 7.55 -20.89
N ASP C 106 -11.39 7.27 -21.69
CA ASP C 106 -11.71 5.89 -22.04
C ASP C 106 -10.78 5.42 -23.15
N ARG C 107 -11.06 4.25 -23.72
CA ARG C 107 -10.21 3.71 -24.77
C ARG C 107 -10.33 4.47 -26.09
N THR C 108 -11.32 5.35 -26.22
CA THR C 108 -11.48 6.16 -27.43
C THR C 108 -10.67 7.44 -27.38
N GLY C 109 -10.08 7.78 -26.23
CA GLY C 109 -9.32 9.00 -26.09
C GLY C 109 -10.11 10.21 -25.62
N ALA C 110 -11.40 10.07 -25.40
CA ALA C 110 -12.25 11.16 -24.97
C ALA C 110 -12.47 11.11 -23.46
N ALA C 111 -12.60 12.29 -22.86
CA ALA C 111 -12.83 12.38 -21.42
C ALA C 111 -14.21 11.86 -21.06
N LEU C 112 -14.33 11.35 -19.84
CA LEU C 112 -15.55 10.72 -19.36
C LEU C 112 -16.21 11.61 -18.32
N THR C 113 -17.51 11.86 -18.49
CA THR C 113 -18.26 12.62 -17.50
C THR C 113 -18.39 11.80 -16.22
N LEU C 114 -18.00 12.41 -15.10
CA LEU C 114 -17.94 11.71 -13.81
C LEU C 114 -19.19 12.00 -13.00
N ASP C 115 -20.31 11.42 -13.47
CA ASP C 115 -21.57 11.49 -12.76
C ASP C 115 -22.11 10.13 -12.36
N GLY C 116 -21.49 9.04 -12.81
CA GLY C 116 -21.92 7.71 -12.47
C GLY C 116 -22.97 7.11 -13.40
N ALA C 117 -23.49 7.90 -14.34
CA ALA C 117 -24.51 7.42 -15.27
C ALA C 117 -24.11 7.56 -16.72
N THR C 118 -22.86 7.93 -17.00
CA THR C 118 -22.35 8.07 -18.36
C THR C 118 -21.29 7.00 -18.56
N PHE C 119 -21.68 5.89 -19.18
CA PHE C 119 -20.77 4.78 -19.39
C PHE C 119 -19.89 5.03 -20.60
N SER C 120 -18.68 4.47 -20.57
CA SER C 120 -17.67 4.73 -21.57
C SER C 120 -17.94 3.90 -22.83
N SER C 121 -16.98 3.88 -23.74
CA SER C 121 -17.12 3.13 -24.98
C SER C 121 -17.13 1.64 -24.69
N GLU C 122 -18.03 0.92 -25.37
CA GLU C 122 -18.20 -0.51 -25.11
C GLU C 122 -17.05 -1.31 -25.70
N THR C 123 -16.48 -2.18 -24.89
CA THR C 123 -15.39 -3.07 -25.29
C THR C 123 -15.94 -4.48 -25.44
N THR C 124 -15.65 -5.13 -26.55
CA THR C 124 -16.08 -6.49 -26.78
C THR C 124 -15.37 -7.45 -25.82
N LEU C 125 -16.08 -8.48 -25.40
CA LEU C 125 -15.58 -9.43 -24.43
C LEU C 125 -15.28 -10.77 -25.08
N ASN C 126 -14.44 -11.55 -24.40
CA ASN C 126 -14.19 -12.95 -24.74
C ASN C 126 -14.24 -13.78 -23.46
N ASN C 127 -14.31 -15.09 -23.63
CA ASN C 127 -14.37 -15.99 -22.49
C ASN C 127 -13.03 -16.01 -21.77
N GLY C 128 -13.05 -15.75 -20.47
CA GLY C 128 -11.81 -15.75 -19.71
C GLY C 128 -11.45 -14.44 -19.05
N THR C 129 -10.26 -13.94 -19.37
CA THR C 129 -9.74 -12.68 -18.84
C THR C 129 -9.88 -11.58 -19.89
N ASN C 130 -10.40 -10.43 -19.46
CA ASN C 130 -10.58 -9.27 -20.32
C ASN C 130 -9.94 -8.06 -19.67
N THR C 131 -9.28 -7.22 -20.46
CA THR C 131 -8.65 -6.01 -19.96
C THR C 131 -9.23 -4.81 -20.69
N ILE C 132 -9.69 -3.82 -19.94
CA ILE C 132 -10.24 -2.58 -20.49
C ILE C 132 -9.27 -1.45 -20.17
N PRO C 133 -8.67 -0.80 -21.17
CA PRO C 133 -7.69 0.26 -20.89
C PRO C 133 -8.30 1.65 -20.72
N PHE C 134 -7.87 2.36 -19.69
CA PHE C 134 -8.25 3.75 -19.46
C PHE C 134 -6.98 4.57 -19.25
N GLN C 135 -7.16 5.88 -19.14
CA GLN C 135 -6.03 6.77 -18.91
C GLN C 135 -6.46 7.89 -17.98
N ALA C 136 -5.47 8.54 -17.37
CA ALA C 136 -5.71 9.67 -16.48
C ALA C 136 -4.66 10.73 -16.75
N ARG C 137 -5.09 11.97 -16.84
CA ARG C 137 -4.18 13.09 -17.07
C ARG C 137 -4.60 14.25 -16.18
N TYR C 138 -3.90 15.37 -16.31
CA TYR C 138 -4.19 16.57 -15.54
C TYR C 138 -4.80 17.62 -16.46
N PHE C 139 -5.86 18.26 -15.99
CA PHE C 139 -6.55 19.30 -16.73
C PHE C 139 -6.52 20.58 -15.91
N ALA C 140 -6.05 21.66 -16.52
CA ALA C 140 -5.90 22.94 -15.85
C ALA C 140 -7.11 23.81 -16.16
N THR C 141 -7.93 24.06 -15.15
CA THR C 141 -9.07 24.97 -15.27
C THR C 141 -8.66 26.39 -14.87
N GLY C 142 -7.61 26.87 -15.53
CA GLY C 142 -7.00 28.15 -15.20
C GLY C 142 -5.50 28.04 -15.18
N ALA C 143 -4.85 28.81 -14.30
CA ALA C 143 -3.41 28.72 -14.10
C ALA C 143 -3.14 27.93 -12.83
N ALA C 144 -2.48 26.78 -12.99
CA ALA C 144 -2.28 25.87 -11.87
C ALA C 144 -1.27 26.45 -10.88
N THR C 145 -1.36 25.96 -9.64
CA THR C 145 -0.45 26.31 -8.56
C THR C 145 0.11 25.04 -7.94
N PRO C 146 1.32 25.11 -7.37
CA PRO C 146 1.94 23.90 -6.80
C PRO C 146 1.14 23.34 -5.63
N GLY C 147 1.26 22.03 -5.44
CA GLY C 147 0.61 21.36 -4.33
C GLY C 147 0.35 19.91 -4.68
N ALA C 148 -0.21 19.20 -3.70
CA ALA C 148 -0.57 17.81 -3.94
C ALA C 148 -1.76 17.73 -4.88
N ALA C 149 -1.81 16.66 -5.66
CA ALA C 149 -2.83 16.49 -6.69
C ALA C 149 -3.39 15.08 -6.66
N ASN C 150 -3.73 14.61 -5.46
CA ASN C 150 -4.37 13.32 -5.31
C ASN C 150 -5.87 13.44 -5.57
N ALA C 151 -6.45 12.35 -6.07
CA ALA C 151 -7.88 12.32 -6.35
C ALA C 151 -8.36 10.88 -6.19
N ASP C 152 -9.65 10.67 -6.48
CA ASP C 152 -10.27 9.39 -6.18
C ASP C 152 -11.58 9.29 -6.96
N ALA C 153 -11.90 8.08 -7.43
CA ALA C 153 -13.14 7.86 -8.15
C ALA C 153 -13.59 6.43 -7.93
N THR C 154 -14.89 6.19 -8.11
CA THR C 154 -15.46 4.86 -7.96
C THR C 154 -16.21 4.50 -9.23
N PHE C 155 -15.96 3.31 -9.76
CA PHE C 155 -16.51 2.94 -11.05
C PHE C 155 -17.49 1.78 -10.93
N LYS C 156 -18.42 1.76 -11.89
CA LYS C 156 -19.42 0.72 -12.06
C LYS C 156 -19.29 0.13 -13.45
N VAL C 157 -19.65 -1.15 -13.58
CA VAL C 157 -19.50 -1.89 -14.83
C VAL C 157 -20.86 -2.31 -15.34
N GLN C 158 -21.11 -2.06 -16.62
CA GLN C 158 -22.34 -2.45 -17.30
C GLN C 158 -22.02 -3.48 -18.35
N TYR C 159 -22.72 -4.61 -18.32
CA TYR C 159 -22.55 -5.69 -19.27
C TYR C 159 -23.74 -5.76 -20.20
N GLN C 160 -23.48 -5.85 -21.50
CA GLN C 160 -24.54 -5.99 -22.49
C GLN C 160 -24.26 -7.16 -23.42
N ALA D 3 -27.13 -3.32 -19.76
CA ALA D 3 -28.10 -4.10 -18.98
C ALA D 3 -27.74 -4.07 -17.50
N THR D 4 -27.17 -5.17 -17.01
CA THR D 4 -26.83 -5.26 -15.60
C THR D 4 -25.69 -4.30 -15.25
N THR D 5 -25.90 -3.51 -14.21
CA THR D 5 -24.91 -2.56 -13.72
C THR D 5 -24.39 -3.04 -12.38
N VAL D 6 -23.07 -3.19 -12.29
CA VAL D 6 -22.43 -3.80 -11.13
C VAL D 6 -21.70 -2.71 -10.34
N ASN D 7 -21.47 -2.98 -9.06
CA ASN D 7 -20.84 -1.99 -8.19
C ASN D 7 -19.43 -1.64 -8.63
N GLY D 8 -18.70 -2.59 -9.21
CA GLY D 8 -17.36 -2.34 -9.70
C GLY D 8 -16.33 -2.15 -8.61
N GLY D 9 -15.69 -0.99 -8.56
CA GLY D 9 -14.66 -0.76 -7.57
C GLY D 9 -14.22 0.68 -7.42
N THR D 10 -12.94 0.91 -7.13
CA THR D 10 -12.44 2.27 -6.96
C THR D 10 -10.99 2.40 -7.40
N VAL D 11 -10.62 3.62 -7.78
CA VAL D 11 -9.28 3.95 -8.22
C VAL D 11 -8.86 5.27 -7.58
N HIS D 12 -7.63 5.30 -7.07
CA HIS D 12 -7.07 6.46 -6.42
C HIS D 12 -5.90 6.97 -7.25
N PHE D 13 -5.89 8.26 -7.53
CA PHE D 13 -4.84 8.88 -8.32
C PHE D 13 -3.90 9.63 -7.38
N LYS D 14 -2.60 9.36 -7.50
CA LYS D 14 -1.60 9.99 -6.65
C LYS D 14 -0.65 10.82 -7.51
N GLY D 15 -0.48 12.09 -7.16
CA GLY D 15 0.37 12.95 -7.95
C GLY D 15 0.66 14.25 -7.22
N GLU D 16 1.32 15.16 -7.95
CA GLU D 16 1.73 16.43 -7.37
C GLU D 16 2.09 17.39 -8.51
N VAL D 17 1.81 18.67 -8.29
CA VAL D 17 2.14 19.73 -9.23
C VAL D 17 3.22 20.60 -8.61
N VAL D 18 4.28 20.88 -9.37
CA VAL D 18 5.45 21.56 -8.85
C VAL D 18 5.82 22.71 -9.78
N ASN D 19 6.34 23.78 -9.19
CA ASN D 19 6.87 24.91 -9.95
C ASN D 19 8.39 24.76 -10.03
N ALA D 20 8.82 23.89 -10.93
CA ALA D 20 10.21 23.50 -11.03
C ALA D 20 10.58 23.28 -12.49
N ALA D 21 11.88 23.15 -12.74
CA ALA D 21 12.36 22.96 -14.11
C ALA D 21 12.01 21.57 -14.64
N CYS D 22 12.07 20.55 -13.79
CA CYS D 22 11.79 19.18 -14.18
C CYS D 22 10.67 18.63 -13.31
N ALA D 23 10.22 17.42 -13.65
CA ALA D 23 9.23 16.70 -12.86
C ALA D 23 9.70 15.29 -12.61
N VAL D 24 9.49 14.78 -11.41
CA VAL D 24 9.98 13.44 -11.08
C VAL D 24 9.08 12.41 -11.74
N ASP D 25 9.69 11.35 -12.26
CA ASP D 25 8.97 10.33 -13.00
C ASP D 25 8.00 9.56 -12.08
N ALA D 26 6.93 9.05 -12.69
CA ALA D 26 5.93 8.31 -11.93
C ALA D 26 6.51 7.05 -11.33
N GLY D 27 7.40 6.38 -12.04
CA GLY D 27 8.09 5.23 -11.52
C GLY D 27 9.25 5.53 -10.60
N SER D 28 9.54 6.82 -10.39
CA SER D 28 10.64 7.25 -9.53
C SER D 28 10.18 7.94 -8.26
N VAL D 29 8.95 8.45 -8.22
CA VAL D 29 8.45 9.09 -7.00
C VAL D 29 8.33 8.07 -5.87
N ASP D 30 8.06 6.81 -6.19
CA ASP D 30 7.99 5.77 -5.18
C ASP D 30 8.53 4.49 -5.80
N GLN D 31 9.71 4.05 -5.37
CA GLN D 31 10.33 2.86 -5.90
C GLN D 31 10.88 1.99 -4.78
N THR D 32 10.90 0.69 -5.03
CA THR D 32 11.47 -0.30 -4.13
C THR D 32 12.77 -0.83 -4.72
N VAL D 33 13.83 -0.81 -3.92
CA VAL D 33 15.17 -1.25 -4.33
C VAL D 33 15.46 -2.53 -3.58
N GLN D 34 15.69 -3.61 -4.33
CA GLN D 34 15.97 -4.92 -3.75
C GLN D 34 17.49 -5.06 -3.63
N LEU D 35 18.01 -4.78 -2.43
CA LEU D 35 19.43 -4.93 -2.21
C LEU D 35 19.86 -6.39 -2.21
N GLY D 36 18.91 -7.30 -2.10
CA GLY D 36 19.21 -8.72 -2.16
C GLY D 36 19.38 -9.36 -0.81
N GLN D 37 20.58 -9.86 -0.55
CA GLN D 37 20.87 -10.60 0.67
C GLN D 37 22.37 -10.54 0.90
N VAL D 38 22.78 -10.33 2.15
CA VAL D 38 24.17 -10.15 2.50
C VAL D 38 24.52 -11.09 3.65
N ARG D 39 25.77 -11.55 3.66
CA ARG D 39 26.24 -12.45 4.69
C ARG D 39 26.76 -11.66 5.89
N THR D 40 26.66 -12.28 7.07
CA THR D 40 27.24 -11.67 8.27
C THR D 40 28.76 -11.65 8.22
N ALA D 41 29.38 -12.48 7.38
CA ALA D 41 30.83 -12.43 7.25
C ALA D 41 31.28 -11.20 6.48
N SER D 42 30.49 -10.75 5.51
CA SER D 42 30.83 -9.53 4.78
C SER D 42 30.79 -8.31 5.69
N LEU D 43 29.88 -8.29 6.66
CA LEU D 43 29.74 -7.20 7.61
C LEU D 43 30.14 -7.74 8.98
N ALA D 44 31.43 -7.71 9.28
CA ALA D 44 31.95 -8.34 10.48
C ALA D 44 32.62 -7.38 11.46
N GLN D 45 32.86 -6.14 11.06
CA GLN D 45 33.54 -5.19 11.93
C GLN D 45 33.17 -3.78 11.50
N GLU D 46 33.59 -2.80 12.31
CA GLU D 46 33.25 -1.41 12.06
C GLU D 46 33.71 -0.96 10.68
N GLY D 47 32.82 -0.29 9.96
CA GLY D 47 33.15 0.29 8.68
C GLY D 47 33.06 -0.66 7.50
N ALA D 48 32.73 -1.93 7.72
CA ALA D 48 32.62 -2.87 6.62
C ALA D 48 31.41 -2.53 5.76
N THR D 49 31.59 -2.58 4.45
CA THR D 49 30.54 -2.27 3.49
C THR D 49 30.31 -3.45 2.57
N SER D 50 29.07 -3.66 2.17
CA SER D 50 28.73 -4.69 1.21
C SER D 50 28.78 -4.11 -0.21
N SER D 51 28.43 -4.94 -1.19
CA SER D 51 28.36 -4.47 -2.56
C SER D 51 27.15 -3.56 -2.74
N ALA D 52 27.19 -2.75 -3.78
CA ALA D 52 26.22 -1.69 -3.99
C ALA D 52 25.23 -2.07 -5.09
N VAL D 53 23.95 -1.84 -4.83
CA VAL D 53 22.88 -2.01 -5.81
C VAL D 53 22.51 -0.64 -6.33
N GLY D 54 22.50 -0.49 -7.66
CA GLY D 54 22.30 0.81 -8.28
C GLY D 54 20.85 1.08 -8.61
N PHE D 55 20.35 2.21 -8.15
CA PHE D 55 19.04 2.71 -8.52
C PHE D 55 19.21 4.10 -9.14
N ASN D 56 18.12 4.64 -9.69
CA ASN D 56 18.23 5.94 -10.32
C ASN D 56 16.90 6.68 -10.25
N ILE D 57 16.99 8.00 -10.38
CA ILE D 57 15.83 8.88 -10.32
C ILE D 57 15.71 9.57 -11.68
N GLN D 58 14.51 9.50 -12.26
CA GLN D 58 14.29 10.01 -13.61
C GLN D 58 13.50 11.32 -13.55
N LEU D 59 14.00 12.33 -14.26
CA LEU D 59 13.38 13.63 -14.37
C LEU D 59 12.87 13.81 -15.79
N ASN D 60 11.58 14.12 -15.92
CA ASN D 60 10.91 14.31 -17.20
C ASN D 60 10.61 15.79 -17.40
N ASP D 61 10.47 16.16 -18.68
CA ASP D 61 10.07 17.51 -19.08
C ASP D 61 11.04 18.56 -18.52
N CYS D 62 12.33 18.25 -18.59
CA CYS D 62 13.34 19.18 -18.08
C CYS D 62 13.49 20.37 -19.02
N ASP D 63 13.95 21.48 -18.46
CA ASP D 63 14.17 22.70 -19.22
C ASP D 63 15.49 23.31 -18.78
N THR D 64 16.38 23.55 -19.75
CA THR D 64 17.69 24.12 -19.45
C THR D 64 17.69 25.64 -19.48
N ASN D 65 16.58 26.27 -19.88
CA ASN D 65 16.46 27.72 -19.77
C ASN D 65 15.99 28.17 -18.40
N VAL D 66 15.58 27.24 -17.54
CA VAL D 66 15.18 27.55 -16.18
C VAL D 66 16.24 27.12 -15.18
N ALA D 67 16.81 25.92 -15.36
CA ALA D 67 17.85 25.42 -14.47
C ALA D 67 18.66 24.38 -15.22
N SER D 68 19.98 24.55 -15.26
CA SER D 68 20.85 23.67 -16.02
C SER D 68 21.45 22.55 -15.18
N LYS D 69 21.24 22.54 -13.87
CA LYS D 69 21.84 21.55 -13.00
C LYS D 69 20.83 21.12 -11.94
N ALA D 70 20.94 19.87 -11.49
CA ALA D 70 20.04 19.33 -10.49
C ALA D 70 20.81 18.52 -9.46
N ALA D 71 20.33 18.57 -8.21
CA ALA D 71 20.90 17.81 -7.10
C ALA D 71 19.77 17.22 -6.28
N VAL D 72 20.07 16.16 -5.53
CA VAL D 72 19.08 15.44 -4.76
C VAL D 72 19.56 15.32 -3.32
N ALA D 73 18.66 15.60 -2.37
CA ALA D 73 18.95 15.50 -0.94
C ALA D 73 18.03 14.48 -0.29
N PHE D 74 18.61 13.66 0.59
CA PHE D 74 17.90 12.56 1.23
C PHE D 74 17.67 12.83 2.70
N LEU D 75 16.50 12.45 3.19
CA LEU D 75 16.10 12.60 4.58
C LEU D 75 15.68 11.24 5.12
N GLY D 76 16.26 10.85 6.25
CA GLY D 76 15.91 9.60 6.87
C GLY D 76 16.40 9.56 8.29
N THR D 77 16.18 8.43 8.94
CA THR D 77 16.58 8.23 10.33
C THR D 77 17.98 7.62 10.35
N ALA D 78 18.93 8.36 10.91
CA ALA D 78 20.29 7.86 11.02
C ALA D 78 20.37 6.71 12.03
N ILE D 79 21.40 5.87 11.86
CA ILE D 79 21.58 4.75 12.76
C ILE D 79 21.92 5.23 14.16
N ASP D 80 22.68 6.32 14.26
CA ASP D 80 23.01 6.97 15.53
C ASP D 80 23.62 8.32 15.21
N ALA D 81 24.04 9.04 16.26
CA ALA D 81 24.59 10.37 16.08
C ALA D 81 26.01 10.36 15.55
N GLY D 82 26.71 9.22 15.59
CA GLY D 82 28.05 9.15 15.05
C GLY D 82 28.10 8.86 13.56
N HIS D 83 27.02 8.31 13.00
CA HIS D 83 26.94 7.96 11.59
C HIS D 83 25.73 8.69 11.01
N THR D 84 25.97 9.91 10.52
CA THR D 84 24.90 10.73 9.97
C THR D 84 24.58 10.40 8.52
N ASN D 85 25.31 9.49 7.90
CA ASN D 85 25.07 9.11 6.51
C ASN D 85 24.57 7.67 6.37
N VAL D 86 24.39 6.95 7.47
CA VAL D 86 23.89 5.58 7.46
C VAL D 86 22.44 5.60 7.94
N LEU D 87 21.60 4.81 7.28
CA LEU D 87 20.16 4.82 7.50
C LEU D 87 19.76 3.57 8.26
N ALA D 88 19.00 3.76 9.34
CA ALA D 88 18.62 2.67 10.22
C ALA D 88 17.54 1.79 9.58
N LEU D 89 17.51 0.53 10.01
CA LEU D 89 16.54 -0.44 9.53
C LEU D 89 15.26 -0.35 10.35
N GLN D 90 14.13 -0.31 9.68
CA GLN D 90 12.83 -0.10 10.33
C GLN D 90 11.79 -1.08 9.79
N SER D 91 12.14 -2.36 9.72
CA SER D 91 11.21 -3.35 9.20
C SER D 91 10.03 -3.57 10.15
N SER D 92 10.30 -4.05 11.36
CA SER D 92 9.25 -4.32 12.32
C SER D 92 9.86 -4.24 13.73
N ALA D 93 9.15 -4.77 14.72
CA ALA D 93 9.60 -4.75 16.10
C ALA D 93 10.30 -6.05 16.50
N ALA D 94 10.62 -6.91 15.55
CA ALA D 94 11.32 -8.15 15.83
C ALA D 94 11.92 -8.67 14.54
N GLY D 95 13.14 -9.20 14.62
CA GLY D 95 13.75 -9.84 13.49
C GLY D 95 14.57 -8.94 12.59
N SER D 96 14.72 -7.66 12.93
CA SER D 96 15.57 -6.78 12.15
C SER D 96 17.04 -7.02 12.51
N ALA D 97 17.91 -6.74 11.55
CA ALA D 97 19.34 -6.91 11.77
C ALA D 97 19.87 -5.83 12.70
N THR D 98 21.00 -6.15 13.34
CA THR D 98 21.61 -5.28 14.33
C THR D 98 23.00 -4.86 13.84
N ASN D 99 23.37 -3.61 14.12
CA ASN D 99 24.68 -3.06 13.79
C ASN D 99 24.90 -3.03 12.28
N VAL D 100 23.91 -2.54 11.55
CA VAL D 100 23.99 -2.43 10.10
C VAL D 100 22.92 -1.45 9.64
N GLY D 101 23.24 -0.68 8.60
CA GLY D 101 22.28 0.25 8.04
C GLY D 101 22.62 0.53 6.58
N VAL D 102 21.61 0.93 5.83
CA VAL D 102 21.80 1.15 4.40
C VAL D 102 22.44 2.52 4.17
N GLN D 103 23.44 2.57 3.29
CA GLN D 103 24.13 3.79 2.93
C GLN D 103 23.88 4.12 1.46
N ILE D 104 23.62 5.39 1.18
CA ILE D 104 23.26 5.86 -0.16
C ILE D 104 24.42 6.70 -0.69
N LEU D 105 24.80 6.44 -1.94
CA LEU D 105 25.94 7.07 -2.57
C LEU D 105 25.50 7.75 -3.86
N ASP D 106 26.01 8.95 -4.11
CA ASP D 106 25.69 9.69 -5.32
C ASP D 106 26.60 9.23 -6.46
N ARG D 107 26.58 9.98 -7.58
CA ARG D 107 27.37 9.60 -8.73
C ARG D 107 28.87 9.77 -8.49
N THR D 108 29.27 10.47 -7.44
CA THR D 108 30.67 10.60 -7.08
C THR D 108 31.16 9.43 -6.23
N GLY D 109 30.29 8.47 -5.91
CA GLY D 109 30.66 7.38 -5.04
C GLY D 109 30.93 7.81 -3.61
N ALA D 110 30.17 8.78 -3.11
CA ALA D 110 30.33 9.30 -1.76
C ALA D 110 29.01 9.21 -1.02
N ALA D 111 29.08 8.83 0.25
CA ALA D 111 27.88 8.70 1.06
C ALA D 111 27.24 10.06 1.29
N LEU D 112 25.91 10.06 1.38
CA LEU D 112 25.12 11.28 1.52
C LEU D 112 24.61 11.40 2.95
N THR D 113 24.61 12.62 3.47
CA THR D 113 24.03 12.88 4.78
C THR D 113 22.51 12.82 4.69
N LEU D 114 21.89 12.21 5.69
CA LEU D 114 20.45 11.99 5.71
C LEU D 114 19.77 13.07 6.56
N ASP D 115 19.75 14.28 6.02
CA ASP D 115 19.10 15.39 6.71
C ASP D 115 18.23 16.27 5.84
N GLY D 116 18.22 16.11 4.52
CA GLY D 116 17.41 16.96 3.68
C GLY D 116 18.03 18.30 3.36
N ALA D 117 19.28 18.54 3.74
CA ALA D 117 19.96 19.80 3.47
C ALA D 117 21.33 19.63 2.86
N THR D 118 21.88 18.42 2.81
CA THR D 118 23.16 18.15 2.15
C THR D 118 22.84 17.58 0.77
N PHE D 119 22.91 18.42 -0.25
CA PHE D 119 22.57 18.01 -1.60
C PHE D 119 23.79 17.37 -2.28
N SER D 120 23.51 16.41 -3.14
CA SER D 120 24.57 15.62 -3.78
C SER D 120 25.24 16.46 -4.86
N SER D 121 26.15 15.83 -5.61
CA SER D 121 26.84 16.52 -6.68
C SER D 121 25.87 16.89 -7.79
N GLU D 122 25.95 18.13 -8.26
CA GLU D 122 24.99 18.63 -9.24
C GLU D 122 25.30 18.09 -10.62
N THR D 123 24.29 17.51 -11.26
CA THR D 123 24.42 16.95 -12.60
C THR D 123 23.78 17.89 -13.60
N THR D 124 24.43 18.07 -14.74
CA THR D 124 23.90 18.92 -15.80
C THR D 124 22.72 18.24 -16.48
N LEU D 125 21.72 19.04 -16.85
CA LEU D 125 20.46 18.53 -17.39
C LEU D 125 20.46 18.59 -18.91
N ASN D 126 19.58 17.77 -19.49
CA ASN D 126 19.24 17.83 -20.90
C ASN D 126 17.85 18.41 -21.06
N ASN D 127 17.52 18.78 -22.29
CA ASN D 127 16.15 19.16 -22.63
C ASN D 127 15.36 17.88 -22.86
N GLY D 128 14.74 17.37 -21.80
CA GLY D 128 14.03 16.13 -21.88
C GLY D 128 14.26 15.22 -20.68
N THR D 129 14.42 13.93 -20.93
CA THR D 129 14.60 12.96 -19.87
C THR D 129 16.03 13.01 -19.34
N ASN D 130 16.16 13.01 -18.01
CA ASN D 130 17.46 12.99 -17.33
C ASN D 130 17.44 11.89 -16.28
N THR D 131 18.50 11.08 -16.23
CA THR D 131 18.59 10.01 -15.26
C THR D 131 19.73 10.30 -14.30
N ILE D 132 19.42 10.38 -13.02
CA ILE D 132 20.41 10.65 -11.97
C ILE D 132 20.73 9.33 -11.28
N PRO D 133 21.95 8.82 -11.37
CA PRO D 133 22.28 7.52 -10.78
C PRO D 133 22.67 7.62 -9.32
N PHE D 134 22.21 6.65 -8.53
CA PHE D 134 22.55 6.52 -7.13
C PHE D 134 22.83 5.06 -6.85
N GLN D 135 23.41 4.79 -5.68
CA GLN D 135 23.71 3.43 -5.29
C GLN D 135 23.39 3.27 -3.82
N ALA D 136 23.10 2.03 -3.41
CA ALA D 136 22.78 1.74 -2.02
C ALA D 136 23.50 0.47 -1.61
N ARG D 137 24.18 0.52 -0.48
CA ARG D 137 24.91 -0.62 0.05
C ARG D 137 24.58 -0.78 1.53
N TYR D 138 25.18 -1.78 2.15
CA TYR D 138 25.05 -1.99 3.58
C TYR D 138 26.33 -1.53 4.27
N PHE D 139 26.18 -0.97 5.46
CA PHE D 139 27.29 -0.43 6.23
C PHE D 139 27.18 -0.96 7.64
N ALA D 140 28.24 -1.59 8.13
CA ALA D 140 28.24 -2.19 9.45
C ALA D 140 28.79 -1.20 10.47
N THR D 141 27.94 -0.81 11.43
CA THR D 141 28.37 0.02 12.55
C THR D 141 28.83 -0.83 13.73
N GLY D 142 29.26 -2.06 13.48
CA GLY D 142 29.67 -2.99 14.51
C GLY D 142 29.86 -4.36 13.93
N ALA D 143 29.28 -5.38 14.57
CA ALA D 143 29.25 -6.74 14.03
C ALA D 143 27.81 -7.08 13.72
N ALA D 144 27.50 -7.21 12.43
CA ALA D 144 26.14 -7.43 12.00
C ALA D 144 25.61 -8.77 12.48
N THR D 145 24.30 -8.84 12.70
CA THR D 145 23.62 -10.06 13.10
C THR D 145 22.50 -10.38 12.12
N PRO D 146 22.12 -11.66 11.99
CA PRO D 146 21.10 -12.04 11.02
C PRO D 146 19.76 -11.36 11.29
N GLY D 147 19.04 -11.06 10.23
CA GLY D 147 17.71 -10.49 10.34
C GLY D 147 17.36 -9.70 9.09
N ALA D 148 16.10 -9.28 9.03
CA ALA D 148 15.65 -8.47 7.91
C ALA D 148 16.30 -7.09 7.94
N ALA D 149 16.61 -6.57 6.76
CA ALA D 149 17.26 -5.27 6.61
C ALA D 149 16.50 -4.46 5.57
N ASN D 150 15.45 -3.76 6.02
CA ASN D 150 14.67 -2.89 5.17
C ASN D 150 14.68 -1.47 5.75
N ALA D 151 14.68 -0.48 4.87
CA ALA D 151 14.69 0.91 5.32
C ALA D 151 13.85 1.75 4.35
N ASP D 152 13.84 3.05 4.58
CA ASP D 152 13.00 3.97 3.83
C ASP D 152 13.54 5.37 3.99
N ALA D 153 13.67 6.10 2.87
CA ALA D 153 14.20 7.45 2.90
C ALA D 153 13.46 8.33 1.92
N THR D 154 13.21 9.56 2.30
CA THR D 154 12.57 10.54 1.43
C THR D 154 13.66 11.33 0.72
N PHE D 155 13.33 11.89 -0.43
CA PHE D 155 14.27 12.71 -1.16
C PHE D 155 13.55 13.90 -1.77
N LYS D 156 14.35 14.95 -2.00
CA LYS D 156 13.91 16.21 -2.59
C LYS D 156 14.94 16.64 -3.62
N VAL D 157 14.51 17.46 -4.57
CA VAL D 157 15.34 17.84 -5.71
C VAL D 157 15.51 19.35 -5.72
N GLN D 158 16.74 19.80 -5.90
CA GLN D 158 17.06 21.22 -6.03
C GLN D 158 17.59 21.51 -7.43
N TYR D 159 17.00 22.50 -8.09
CA TYR D 159 17.39 22.92 -9.43
C TYR D 159 18.07 24.28 -9.36
N GLN D 160 19.26 24.38 -9.92
CA GLN D 160 19.97 25.64 -10.02
C GLN D 160 20.26 25.99 -11.47
N ALA E 3 18.54 26.88 -5.90
CA ALA E 3 17.42 27.81 -6.00
C ALA E 3 16.10 27.12 -5.66
N THR E 4 15.44 26.57 -6.67
CA THR E 4 14.13 25.94 -6.48
C THR E 4 14.31 24.55 -5.91
N THR E 5 13.72 24.31 -4.74
CA THR E 5 13.76 23.01 -4.07
C THR E 5 12.34 22.48 -3.97
N VAL E 6 12.12 21.27 -4.47
CA VAL E 6 10.81 20.64 -4.50
C VAL E 6 10.91 19.26 -3.90
N ASN E 7 9.77 18.72 -3.48
CA ASN E 7 9.72 17.37 -2.95
C ASN E 7 9.83 16.36 -4.08
N GLY E 8 10.65 15.33 -3.87
CA GLY E 8 10.82 14.31 -4.89
C GLY E 8 9.99 13.08 -4.66
N GLY E 9 10.07 12.50 -3.47
CA GLY E 9 9.34 11.27 -3.21
C GLY E 9 10.08 10.41 -2.20
N THR E 10 9.74 9.12 -2.18
CA THR E 10 10.30 8.19 -1.21
C THR E 10 10.92 6.98 -1.91
N VAL E 11 11.91 6.37 -1.25
CA VAL E 11 12.59 5.18 -1.73
C VAL E 11 12.57 4.14 -0.61
N HIS E 12 12.17 2.92 -0.93
CA HIS E 12 12.11 1.82 0.02
C HIS E 12 13.23 0.84 -0.31
N PHE E 13 13.99 0.43 0.68
CA PHE E 13 15.06 -0.54 0.50
C PHE E 13 14.72 -1.85 1.19
N LYS E 14 14.94 -2.97 0.50
CA LYS E 14 14.56 -4.28 1.01
C LYS E 14 15.72 -5.26 0.91
N GLY E 15 15.94 -6.01 1.97
CA GLY E 15 17.03 -6.97 1.98
C GLY E 15 17.03 -7.76 3.28
N GLU E 16 18.06 -8.59 3.44
CA GLU E 16 18.18 -9.43 4.63
C GLU E 16 19.63 -9.83 4.83
N VAL E 17 20.08 -9.80 6.08
CA VAL E 17 21.41 -10.23 6.47
C VAL E 17 21.29 -11.66 6.99
N VAL E 18 22.11 -12.56 6.44
CA VAL E 18 22.02 -13.98 6.77
C VAL E 18 23.37 -14.48 7.24
N ASN E 19 23.35 -15.48 8.13
CA ASN E 19 24.56 -16.15 8.58
C ASN E 19 24.66 -17.47 7.81
N ALA E 20 25.06 -17.38 6.55
CA ALA E 20 25.09 -18.52 5.66
C ALA E 20 26.35 -18.46 4.80
N ALA E 21 26.62 -19.56 4.11
CA ALA E 21 27.80 -19.61 3.24
C ALA E 21 27.61 -18.81 1.97
N CYS E 22 26.37 -18.64 1.52
CA CYS E 22 26.06 -17.92 0.29
C CYS E 22 24.96 -16.90 0.57
N ALA E 23 24.75 -16.02 -0.39
CA ALA E 23 23.72 -15.00 -0.30
C ALA E 23 22.83 -15.07 -1.53
N VAL E 24 21.51 -15.07 -1.33
CA VAL E 24 20.61 -15.15 -2.47
C VAL E 24 20.67 -13.85 -3.26
N ASP E 25 20.61 -13.96 -4.58
CA ASP E 25 20.77 -12.81 -5.47
C ASP E 25 19.60 -11.85 -5.34
N ALA E 26 19.85 -10.59 -5.70
CA ALA E 26 18.80 -9.58 -5.69
C ALA E 26 17.73 -9.90 -6.72
N GLY E 27 18.09 -10.55 -7.83
CA GLY E 27 17.12 -10.97 -8.80
C GLY E 27 16.45 -12.29 -8.49
N SER E 28 16.93 -13.01 -7.48
CA SER E 28 16.38 -14.30 -7.10
C SER E 28 15.55 -14.26 -5.81
N VAL E 29 15.74 -13.24 -4.97
CA VAL E 29 14.96 -13.14 -3.74
C VAL E 29 13.48 -12.94 -4.05
N ASP E 30 13.16 -12.33 -5.19
CA ASP E 30 11.77 -12.13 -5.56
C ASP E 30 11.72 -12.11 -7.08
N GLN E 31 11.32 -13.24 -7.67
CA GLN E 31 11.37 -13.38 -9.12
C GLN E 31 10.04 -13.88 -9.65
N THR E 32 9.80 -13.60 -10.93
CA THR E 32 8.60 -14.01 -11.64
C THR E 32 8.95 -14.92 -12.80
N VAL E 33 8.32 -16.08 -12.85
CA VAL E 33 8.49 -17.05 -13.92
C VAL E 33 7.23 -17.05 -14.77
N GLN E 34 7.41 -16.86 -16.07
CA GLN E 34 6.31 -16.76 -17.03
C GLN E 34 6.12 -18.14 -17.65
N LEU E 35 5.16 -18.90 -17.12
CA LEU E 35 4.91 -20.25 -17.58
C LEU E 35 4.35 -20.30 -18.99
N GLY E 36 3.80 -19.19 -19.48
CA GLY E 36 3.15 -19.18 -20.78
C GLY E 36 1.74 -19.73 -20.70
N GLN E 37 1.22 -20.13 -21.86
CA GLN E 37 -0.11 -20.69 -21.97
C GLN E 37 -0.04 -22.18 -22.26
N VAL E 38 -1.02 -22.91 -21.74
CA VAL E 38 -1.17 -24.34 -21.96
C VAL E 38 -2.61 -24.59 -22.38
N ARG E 39 -2.84 -25.74 -23.02
CA ARG E 39 -4.13 -26.07 -23.58
C ARG E 39 -4.79 -27.17 -22.76
N THR E 40 -6.12 -27.09 -22.63
CA THR E 40 -6.87 -28.13 -21.93
C THR E 40 -6.74 -29.47 -22.63
N ALA E 41 -6.53 -29.48 -23.93
CA ALA E 41 -6.31 -30.72 -24.66
C ALA E 41 -5.07 -31.45 -24.14
N SER E 42 -4.03 -30.69 -23.77
CA SER E 42 -2.83 -31.31 -23.20
C SER E 42 -3.12 -31.86 -21.80
N LEU E 43 -3.76 -31.05 -20.95
CA LEU E 43 -4.10 -31.45 -19.59
C LEU E 43 -5.51 -32.02 -19.50
N ALA E 44 -5.80 -33.01 -20.35
CA ALA E 44 -7.13 -33.58 -20.47
C ALA E 44 -7.38 -34.76 -19.56
N GLN E 45 -6.42 -35.12 -18.70
CA GLN E 45 -6.55 -36.31 -17.87
C GLN E 45 -5.79 -36.09 -16.57
N GLU E 46 -6.19 -36.83 -15.53
CA GLU E 46 -5.49 -36.76 -14.27
C GLU E 46 -4.07 -37.32 -14.42
N GLY E 47 -3.11 -36.62 -13.83
CA GLY E 47 -1.72 -37.01 -13.94
C GLY E 47 -1.03 -36.55 -15.21
N ALA E 48 -1.74 -35.86 -16.10
CA ALA E 48 -1.14 -35.38 -17.34
C ALA E 48 -0.41 -34.07 -17.08
N THR E 49 0.84 -34.00 -17.51
CA THR E 49 1.69 -32.84 -17.30
C THR E 49 1.88 -32.08 -18.61
N SER E 50 2.36 -30.86 -18.47
CA SER E 50 2.69 -30.00 -19.61
C SER E 50 4.21 -29.86 -19.71
N SER E 51 4.64 -29.02 -20.65
CA SER E 51 6.05 -28.73 -20.79
C SER E 51 6.53 -27.86 -19.63
N ALA E 52 7.84 -27.85 -19.42
CA ALA E 52 8.46 -27.21 -18.27
C ALA E 52 9.27 -26.00 -18.70
N VAL E 53 9.11 -24.90 -17.97
CA VAL E 53 9.97 -23.73 -18.14
C VAL E 53 10.98 -23.72 -17.02
N GLY E 54 12.15 -23.15 -17.28
CA GLY E 54 13.27 -23.17 -16.35
C GLY E 54 13.46 -21.83 -15.66
N PHE E 55 13.71 -21.90 -14.35
CA PHE E 55 14.10 -20.73 -13.59
C PHE E 55 15.29 -21.09 -12.69
N ASN E 56 16.14 -20.11 -12.45
CA ASN E 56 17.38 -20.33 -11.73
C ASN E 56 17.39 -19.56 -10.41
N ILE E 57 18.06 -20.12 -9.42
CA ILE E 57 18.34 -19.44 -8.16
C ILE E 57 19.83 -19.22 -8.07
N GLN E 58 20.25 -17.97 -8.03
CA GLN E 58 21.66 -17.63 -8.05
C GLN E 58 22.14 -17.26 -6.65
N LEU E 59 23.21 -17.91 -6.21
CA LEU E 59 23.86 -17.65 -4.93
C LEU E 59 25.16 -16.91 -5.18
N ASN E 60 25.38 -15.83 -4.44
CA ASN E 60 26.54 -14.97 -4.59
C ASN E 60 27.40 -15.04 -3.33
N ASP E 61 28.68 -14.72 -3.51
CA ASP E 61 29.65 -14.66 -2.42
C ASP E 61 29.71 -15.99 -1.66
N CYS E 62 29.67 -17.08 -2.41
CA CYS E 62 29.72 -18.41 -1.81
C CYS E 62 31.11 -18.71 -1.29
N ASP E 63 31.17 -19.29 -0.10
CA ASP E 63 32.44 -19.71 0.52
C ASP E 63 32.37 -21.22 0.72
N THR E 64 33.13 -21.96 -0.09
CA THR E 64 33.11 -23.42 -0.01
C THR E 64 33.75 -23.93 1.28
N ASN E 65 34.61 -23.13 1.92
CA ASN E 65 35.16 -23.54 3.21
C ASN E 65 34.08 -23.64 4.29
N VAL E 66 33.02 -22.84 4.16
CA VAL E 66 31.93 -22.90 5.14
C VAL E 66 30.97 -24.04 4.81
N ALA E 67 30.55 -24.13 3.55
CA ALA E 67 29.63 -25.16 3.11
C ALA E 67 29.89 -25.48 1.65
N SER E 68 29.94 -26.77 1.33
CA SER E 68 30.26 -27.23 -0.01
C SER E 68 29.04 -27.66 -0.83
N LYS E 69 27.87 -27.78 -0.20
CA LYS E 69 26.67 -28.23 -0.89
C LYS E 69 25.48 -27.36 -0.48
N ALA E 70 24.55 -27.20 -1.40
CA ALA E 70 23.35 -26.40 -1.15
C ALA E 70 22.13 -27.11 -1.70
N ALA E 71 21.02 -27.03 -0.96
CA ALA E 71 19.74 -27.59 -1.37
C ALA E 71 18.65 -26.56 -1.10
N VAL E 72 17.55 -26.67 -1.86
CA VAL E 72 16.46 -25.71 -1.79
C VAL E 72 15.15 -26.44 -1.54
N ALA E 73 14.38 -25.96 -0.58
CA ALA E 73 13.07 -26.50 -0.25
C ALA E 73 12.02 -25.43 -0.46
N PHE E 74 10.89 -25.81 -1.04
CA PHE E 74 9.83 -24.87 -1.40
C PHE E 74 8.62 -25.09 -0.50
N LEU E 75 7.93 -23.99 -0.18
CA LEU E 75 6.79 -24.01 0.70
C LEU E 75 5.63 -23.30 0.03
N GLY E 76 4.46 -23.91 0.07
CA GLY E 76 3.28 -23.33 -0.54
C GLY E 76 2.07 -24.18 -0.27
N THR E 77 0.92 -23.69 -0.70
CA THR E 77 -0.35 -24.38 -0.50
C THR E 77 -0.49 -25.50 -1.52
N ALA E 78 -0.61 -26.73 -1.04
CA ALA E 78 -0.85 -27.86 -1.92
C ALA E 78 -2.29 -27.82 -2.44
N ILE E 79 -2.55 -28.61 -3.47
CA ILE E 79 -3.87 -28.59 -4.11
C ILE E 79 -4.82 -29.57 -3.42
N ASP E 80 -4.35 -30.77 -3.10
CA ASP E 80 -5.16 -31.77 -2.41
C ASP E 80 -4.27 -32.53 -1.43
N ALA E 81 -4.91 -33.37 -0.62
CA ALA E 81 -4.15 -34.24 0.28
C ALA E 81 -3.34 -35.26 -0.50
N GLY E 82 -3.90 -35.80 -1.58
CA GLY E 82 -3.19 -36.78 -2.37
C GLY E 82 -1.98 -36.20 -3.08
N HIS E 83 -2.13 -35.02 -3.67
CA HIS E 83 -1.06 -34.37 -4.44
C HIS E 83 -0.40 -33.33 -3.54
N THR E 84 0.61 -33.75 -2.79
CA THR E 84 1.35 -32.85 -1.91
C THR E 84 2.45 -32.08 -2.64
N ASN E 85 2.82 -32.49 -3.84
CA ASN E 85 3.88 -31.83 -4.60
C ASN E 85 3.34 -30.94 -5.72
N VAL E 86 2.03 -30.71 -5.77
CA VAL E 86 1.41 -29.86 -6.77
C VAL E 86 0.93 -28.59 -6.08
N LEU E 87 1.34 -27.44 -6.62
CA LEU E 87 1.03 -26.15 -6.01
C LEU E 87 -0.36 -25.69 -6.40
N ALA E 88 -1.04 -25.03 -5.47
CA ALA E 88 -2.40 -24.56 -5.69
C ALA E 88 -2.39 -23.18 -6.33
N LEU E 89 -3.34 -22.94 -7.23
CA LEU E 89 -3.41 -21.68 -7.95
C LEU E 89 -4.08 -20.61 -7.09
N GLN E 90 -3.54 -19.40 -7.16
CA GLN E 90 -4.05 -18.30 -6.33
C GLN E 90 -3.87 -17.00 -7.10
N SER E 91 -4.92 -16.56 -7.79
CA SER E 91 -4.93 -15.27 -8.46
C SER E 91 -5.98 -14.34 -7.88
N SER E 92 -7.25 -14.76 -7.89
CA SER E 92 -8.35 -13.96 -7.35
C SER E 92 -9.49 -14.91 -7.03
N ALA E 93 -10.62 -14.34 -6.63
CA ALA E 93 -11.77 -15.16 -6.24
C ALA E 93 -12.61 -15.61 -7.43
N ALA E 94 -12.23 -15.24 -8.64
CA ALA E 94 -12.95 -15.68 -9.83
C ALA E 94 -11.98 -15.83 -10.98
N GLY E 95 -12.31 -16.74 -11.90
CA GLY E 95 -11.50 -16.94 -13.09
C GLY E 95 -10.15 -17.56 -12.84
N SER E 96 -10.14 -18.81 -12.37
CA SER E 96 -8.92 -19.58 -12.22
C SER E 96 -9.15 -20.97 -12.80
N ALA E 97 -8.08 -21.55 -13.36
CA ALA E 97 -8.18 -22.86 -13.96
C ALA E 97 -8.45 -23.92 -12.91
N THR E 98 -9.32 -24.87 -13.25
CA THR E 98 -9.74 -25.92 -12.33
C THR E 98 -9.01 -27.22 -12.65
N ASN E 99 -8.69 -27.99 -11.60
CA ASN E 99 -8.08 -29.31 -11.74
C ASN E 99 -6.69 -29.25 -12.34
N VAL E 100 -5.93 -28.22 -11.98
CA VAL E 100 -4.55 -28.07 -12.47
C VAL E 100 -3.79 -27.20 -11.49
N GLY E 101 -2.50 -27.47 -11.35
CA GLY E 101 -1.66 -26.68 -10.47
C GLY E 101 -0.21 -26.75 -10.90
N VAL E 102 0.56 -25.73 -10.49
CA VAL E 102 1.97 -25.69 -10.84
C VAL E 102 2.72 -26.76 -10.07
N GLN E 103 3.76 -27.31 -10.70
CA GLN E 103 4.59 -28.34 -10.10
C GLN E 103 6.05 -28.00 -10.35
N ILE E 104 6.87 -28.06 -9.31
CA ILE E 104 8.26 -27.63 -9.35
C ILE E 104 9.16 -28.84 -9.36
N LEU E 105 10.22 -28.78 -10.17
CA LEU E 105 11.13 -29.89 -10.42
C LEU E 105 12.55 -29.44 -10.15
N ASP E 106 13.31 -30.27 -9.44
CA ASP E 106 14.69 -29.94 -9.08
C ASP E 106 15.63 -30.33 -10.21
N ARG E 107 16.94 -30.31 -9.93
CA ARG E 107 17.94 -30.61 -10.95
C ARG E 107 17.98 -32.08 -11.34
N THR E 108 17.28 -32.95 -10.61
CA THR E 108 17.15 -34.36 -10.98
C THR E 108 15.86 -34.64 -11.74
N GLY E 109 15.10 -33.61 -12.10
CA GLY E 109 13.86 -33.79 -12.83
C GLY E 109 12.78 -34.52 -12.05
N ALA E 110 12.68 -34.26 -10.75
CA ALA E 110 11.68 -34.89 -9.90
C ALA E 110 10.91 -33.82 -9.15
N ALA E 111 9.62 -34.08 -8.94
CA ALA E 111 8.77 -33.11 -8.26
C ALA E 111 9.17 -32.96 -6.81
N LEU E 112 9.08 -31.73 -6.30
CA LEU E 112 9.43 -31.42 -4.92
C LEU E 112 8.17 -31.24 -4.10
N THR E 113 8.13 -31.89 -2.94
CA THR E 113 7.02 -31.69 -2.02
C THR E 113 7.07 -30.28 -1.45
N LEU E 114 5.95 -29.58 -1.49
CA LEU E 114 5.87 -28.19 -1.02
C LEU E 114 5.54 -28.17 0.47
N ASP E 115 6.54 -28.59 1.24
CA ASP E 115 6.40 -28.79 2.67
C ASP E 115 7.25 -27.85 3.51
N GLY E 116 8.38 -27.39 2.98
CA GLY E 116 9.33 -26.63 3.76
C GLY E 116 10.36 -27.50 4.47
N ALA E 117 10.33 -28.81 4.28
CA ALA E 117 11.29 -29.71 4.90
C ALA E 117 11.89 -30.73 3.95
N THR E 118 11.25 -31.03 2.83
CA THR E 118 11.81 -31.94 1.83
C THR E 118 12.66 -31.10 0.88
N PHE E 119 13.97 -31.19 1.04
CA PHE E 119 14.90 -30.40 0.25
C PHE E 119 15.23 -31.10 -1.06
N SER E 120 15.66 -30.30 -2.03
CA SER E 120 15.97 -30.81 -3.36
C SER E 120 17.33 -31.52 -3.34
N SER E 121 17.70 -32.06 -4.50
CA SER E 121 18.99 -32.72 -4.62
C SER E 121 20.13 -31.72 -4.42
N GLU E 122 21.11 -32.10 -3.62
CA GLU E 122 22.20 -31.19 -3.29
C GLU E 122 23.08 -30.92 -4.50
N THR E 123 23.51 -29.66 -4.62
CA THR E 123 24.39 -29.22 -5.69
C THR E 123 25.70 -28.77 -5.08
N THR E 124 26.82 -29.24 -5.65
CA THR E 124 28.13 -28.84 -5.16
C THR E 124 28.38 -27.37 -5.48
N LEU E 125 28.96 -26.66 -4.53
CA LEU E 125 29.18 -25.22 -4.63
C LEU E 125 30.66 -24.93 -4.88
N ASN E 126 30.92 -23.96 -5.74
CA ASN E 126 32.25 -23.41 -5.93
C ASN E 126 32.29 -21.98 -5.40
N ASN E 127 33.50 -21.48 -5.21
CA ASN E 127 33.66 -20.13 -4.69
C ASN E 127 33.13 -19.11 -5.68
N GLY E 128 32.34 -18.17 -5.20
CA GLY E 128 31.80 -17.13 -6.04
C GLY E 128 30.35 -17.35 -6.40
N THR E 129 30.00 -17.15 -7.67
CA THR E 129 28.63 -17.24 -8.12
C THR E 129 28.26 -18.70 -8.43
N ASN E 130 27.12 -19.14 -7.93
CA ASN E 130 26.56 -20.44 -8.19
C ASN E 130 25.14 -20.28 -8.72
N THR E 131 24.73 -21.21 -9.59
CA THR E 131 23.39 -21.18 -10.15
C THR E 131 22.74 -22.55 -9.96
N ILE E 132 21.55 -22.56 -9.38
CA ILE E 132 20.81 -23.79 -9.12
C ILE E 132 19.61 -23.82 -10.08
N PRO E 133 19.54 -24.79 -10.98
CA PRO E 133 18.44 -24.84 -11.95
C PRO E 133 17.20 -25.52 -11.39
N PHE E 134 16.04 -25.00 -11.78
CA PHE E 134 14.76 -25.56 -11.39
C PHE E 134 13.82 -25.44 -12.58
N GLN E 135 12.73 -26.19 -12.54
CA GLN E 135 11.74 -26.14 -13.60
C GLN E 135 10.35 -26.11 -13.01
N ALA E 136 9.41 -25.62 -13.81
CA ALA E 136 8.01 -25.55 -13.42
C ALA E 136 7.15 -26.00 -14.58
N ARG E 137 6.19 -26.88 -14.29
CA ARG E 137 5.25 -27.37 -15.27
C ARG E 137 3.84 -27.33 -14.68
N TYR E 138 2.87 -27.79 -15.47
CA TYR E 138 1.48 -27.85 -15.03
C TYR E 138 1.09 -29.31 -14.84
N PHE E 139 0.53 -29.63 -13.68
CA PHE E 139 0.07 -30.97 -13.37
C PHE E 139 -1.45 -30.91 -13.21
N ALA E 140 -2.14 -31.75 -13.96
CA ALA E 140 -3.60 -31.77 -13.96
C ALA E 140 -4.10 -32.87 -13.05
N THR E 141 -4.86 -32.50 -12.03
CA THR E 141 -5.50 -33.45 -11.14
C THR E 141 -6.88 -33.87 -11.63
N GLY E 142 -7.11 -33.77 -12.94
CA GLY E 142 -8.40 -34.09 -13.51
C GLY E 142 -8.51 -33.45 -14.88
N ALA E 143 -9.74 -33.42 -15.39
CA ALA E 143 -10.03 -32.70 -16.62
C ALA E 143 -9.93 -31.21 -16.35
N ALA E 144 -8.89 -30.57 -16.89
CA ALA E 144 -8.66 -29.16 -16.63
C ALA E 144 -9.68 -28.29 -17.36
N THR E 145 -9.94 -27.11 -16.79
CA THR E 145 -10.84 -26.14 -17.37
C THR E 145 -10.12 -24.80 -17.54
N PRO E 146 -10.53 -24.00 -18.51
CA PRO E 146 -9.82 -22.74 -18.79
C PRO E 146 -9.86 -21.78 -17.61
N GLY E 147 -8.80 -20.99 -17.50
CA GLY E 147 -8.71 -19.97 -16.47
C GLY E 147 -7.29 -19.49 -16.30
N ALA E 148 -7.15 -18.48 -15.45
CA ALA E 148 -5.83 -17.95 -15.13
C ALA E 148 -5.17 -18.84 -14.09
N ALA E 149 -3.90 -19.19 -14.33
CA ALA E 149 -3.17 -20.13 -13.48
C ALA E 149 -1.93 -19.44 -12.93
N ASN E 150 -2.10 -18.74 -11.80
CA ASN E 150 -1.01 -18.08 -11.11
C ASN E 150 -0.83 -18.73 -9.74
N ALA E 151 0.42 -19.04 -9.39
CA ALA E 151 0.74 -19.64 -8.10
C ALA E 151 2.01 -19.00 -7.56
N ASP E 152 2.15 -19.00 -6.23
CA ASP E 152 3.29 -18.41 -5.57
C ASP E 152 3.85 -19.38 -4.54
N ALA E 153 5.16 -19.28 -4.30
CA ALA E 153 5.83 -20.13 -3.33
C ALA E 153 7.05 -19.41 -2.78
N THR E 154 7.49 -19.84 -1.61
CA THR E 154 8.67 -19.30 -0.95
C THR E 154 9.62 -20.44 -0.65
N PHE E 155 10.92 -20.20 -0.87
CA PHE E 155 11.92 -21.25 -0.76
C PHE E 155 12.94 -20.95 0.32
N LYS E 156 13.46 -22.02 0.92
CA LYS E 156 14.55 -21.98 1.88
C LYS E 156 15.75 -22.69 1.30
N VAL E 157 16.94 -22.22 1.66
CA VAL E 157 18.19 -22.78 1.15
C VAL E 157 18.97 -23.37 2.30
N GLN E 158 19.36 -24.65 2.17
CA GLN E 158 20.10 -25.37 3.18
C GLN E 158 21.53 -25.56 2.74
N TYR E 159 22.47 -25.21 3.61
CA TYR E 159 23.90 -25.33 3.33
C TYR E 159 24.51 -26.42 4.19
N GLN E 160 25.43 -27.18 3.59
CA GLN E 160 26.13 -28.24 4.31
C GLN E 160 27.61 -28.24 3.95
N ASP F 13 -29.85 9.53 47.99
CA ASP F 13 -29.14 10.70 47.50
C ASP F 13 -28.67 10.48 46.06
N ASN F 14 -29.45 10.97 45.11
CA ASN F 14 -29.13 10.84 43.69
C ASN F 14 -28.36 12.03 43.14
N GLY F 15 -28.02 13.00 43.98
CA GLY F 15 -27.33 14.21 43.55
C GLY F 15 -25.89 14.20 44.02
N CYS F 16 -25.00 14.68 43.15
CA CYS F 16 -23.57 14.79 43.43
C CYS F 16 -23.22 16.25 43.69
N SER F 17 -21.96 16.48 44.05
CA SER F 17 -21.47 17.82 44.30
C SER F 17 -20.26 18.10 43.44
N VAL F 18 -20.18 19.31 42.91
CA VAL F 18 -19.04 19.74 42.10
C VAL F 18 -17.92 20.20 43.02
N ALA F 19 -16.71 19.69 42.78
CA ALA F 19 -15.58 20.04 43.61
C ALA F 19 -15.10 21.45 43.29
N ALA F 20 -14.24 21.97 44.19
CA ALA F 20 -13.68 23.30 43.98
C ALA F 20 -12.86 23.37 42.70
N GLU F 21 -12.19 22.27 42.34
CA GLU F 21 -11.40 22.25 41.12
C GLU F 21 -12.28 22.41 39.89
N SER F 22 -13.42 21.72 39.86
CA SER F 22 -14.32 21.73 38.72
C SER F 22 -15.32 22.87 38.75
N THR F 23 -15.36 23.64 39.85
CA THR F 23 -16.25 24.79 39.90
C THR F 23 -15.94 25.79 38.79
N ASN F 24 -14.68 26.19 38.68
CA ASN F 24 -14.22 27.07 37.60
C ASN F 24 -12.84 26.61 37.16
N PHE F 25 -12.73 26.20 35.90
CA PHE F 25 -11.46 25.74 35.36
C PHE F 25 -11.34 26.21 33.92
N THR F 26 -10.10 26.34 33.46
CA THR F 26 -9.79 26.86 32.13
C THR F 26 -9.20 25.76 31.28
N VAL F 27 -9.71 25.63 30.05
CA VAL F 27 -9.21 24.66 29.08
C VAL F 27 -8.29 25.40 28.11
N ASP F 28 -7.02 25.00 28.08
CA ASP F 28 -6.02 25.64 27.23
C ASP F 28 -5.97 24.92 25.89
N LEU F 29 -6.48 25.57 24.85
CA LEU F 29 -6.46 24.99 23.51
C LEU F 29 -5.14 25.22 22.77
N MET F 30 -4.20 25.95 23.39
CA MET F 30 -2.87 26.17 22.82
C MET F 30 -2.93 26.88 21.48
N GLU F 31 -1.80 26.94 20.77
CA GLU F 31 -1.75 27.60 19.48
C GLU F 31 -2.19 26.65 18.37
N ASN F 32 -2.89 27.19 17.38
CA ASN F 32 -3.44 26.42 16.29
C ASN F 32 -3.07 27.06 14.97
N ALA F 33 -2.72 26.22 13.99
CA ALA F 33 -2.26 26.72 12.70
C ALA F 33 -3.43 27.26 11.89
N ALA F 34 -3.34 28.53 11.49
CA ALA F 34 -4.37 29.12 10.64
C ALA F 34 -4.49 28.41 9.30
N LYS F 35 -3.47 27.65 8.90
CA LYS F 35 -3.56 26.87 7.67
C LYS F 35 -4.28 25.56 7.86
N GLN F 36 -4.47 25.12 9.11
CA GLN F 36 -5.15 23.85 9.36
C GLN F 36 -6.62 23.89 8.95
N PHE F 37 -7.21 25.08 8.86
CA PHE F 37 -8.61 25.23 8.51
C PHE F 37 -8.71 25.53 7.01
N ASN F 38 -8.52 24.48 6.22
CA ASN F 38 -8.55 24.63 4.76
C ASN F 38 -9.96 24.89 4.26
N ASN F 39 -10.95 24.20 4.82
CA ASN F 39 -12.34 24.33 4.39
C ASN F 39 -13.25 24.33 5.61
N ILE F 40 -14.49 24.78 5.39
CA ILE F 40 -15.47 24.79 6.46
C ILE F 40 -15.68 23.37 6.98
N GLY F 41 -15.56 23.21 8.30
CA GLY F 41 -15.66 21.91 8.93
C GLY F 41 -14.33 21.32 9.35
N ALA F 42 -13.21 21.95 8.97
CA ALA F 42 -11.90 21.47 9.37
C ALA F 42 -11.72 21.66 10.87
N THR F 43 -11.32 20.60 11.56
CA THR F 43 -11.19 20.60 13.00
C THR F 43 -9.72 20.58 13.42
N THR F 44 -9.48 20.48 14.72
CA THR F 44 -8.17 20.45 15.33
C THR F 44 -8.06 19.26 16.25
N PRO F 45 -6.85 18.84 16.62
CA PRO F 45 -6.70 17.77 17.61
C PRO F 45 -7.47 18.07 18.89
N VAL F 46 -8.17 17.07 19.39
CA VAL F 46 -9.02 17.24 20.56
C VAL F 46 -8.18 17.48 21.80
N VAL F 47 -8.65 18.37 22.66
CA VAL F 47 -8.01 18.70 23.93
C VAL F 47 -8.93 18.17 25.04
N PRO F 48 -8.48 17.19 25.82
CA PRO F 48 -9.35 16.62 26.86
C PRO F 48 -9.46 17.51 28.07
N PHE F 49 -10.62 17.42 28.73
CA PHE F 49 -10.83 18.09 30.00
C PHE F 49 -11.80 17.25 30.82
N ARG F 50 -11.75 17.43 32.14
CA ARG F 50 -12.54 16.58 33.04
C ARG F 50 -13.29 17.42 34.06
N ILE F 51 -14.42 16.87 34.50
CA ILE F 51 -15.27 17.46 35.53
C ILE F 51 -15.35 16.46 36.67
N LEU F 52 -14.82 16.85 37.84
CA LEU F 52 -14.83 16.00 39.02
C LEU F 52 -16.11 16.22 39.81
N LEU F 53 -16.90 15.16 39.99
CA LEU F 53 -18.14 15.18 40.76
C LEU F 53 -17.85 14.42 42.05
N SER F 54 -17.72 15.16 43.15
CA SER F 54 -17.46 14.60 44.47
C SER F 54 -17.83 15.64 45.51
N PRO F 55 -18.45 15.25 46.62
CA PRO F 55 -18.89 13.88 46.98
C PRO F 55 -20.17 13.46 46.26
N CYS F 56 -20.44 12.16 46.27
CA CYS F 56 -21.63 11.58 45.69
C CYS F 56 -22.25 10.60 46.67
N GLY F 57 -23.57 10.42 46.56
CA GLY F 57 -24.29 9.52 47.42
C GLY F 57 -24.30 8.09 46.90
N ASN F 58 -25.10 7.26 47.55
CA ASN F 58 -25.23 5.85 47.16
C ASN F 58 -26.41 5.60 46.24
N ALA F 59 -27.14 6.65 45.85
CA ALA F 59 -28.30 6.50 44.97
C ALA F 59 -28.09 7.12 43.59
N VAL F 60 -26.89 7.63 43.30
CA VAL F 60 -26.64 8.22 41.99
C VAL F 60 -26.55 7.11 40.95
N SER F 61 -27.17 7.33 39.79
CA SER F 61 -27.16 6.33 38.74
C SER F 61 -26.71 6.89 37.39
N ALA F 62 -27.08 8.12 37.05
CA ALA F 62 -26.71 8.68 35.76
C ALA F 62 -26.70 10.20 35.86
N VAL F 63 -25.81 10.81 35.07
CA VAL F 63 -25.70 12.26 34.97
C VAL F 63 -25.64 12.64 33.49
N LYS F 64 -26.49 13.58 33.09
CA LYS F 64 -26.45 14.19 31.77
C LYS F 64 -25.82 15.57 31.89
N VAL F 65 -24.68 15.77 31.23
CA VAL F 65 -23.95 17.04 31.30
C VAL F 65 -24.22 17.81 30.02
N GLY F 66 -24.80 19.00 30.15
CA GLY F 66 -25.08 19.88 29.03
C GLY F 66 -24.25 21.15 29.13
N PHE F 67 -23.99 21.77 27.98
CA PHE F 67 -23.19 22.98 27.92
C PHE F 67 -24.02 24.12 27.34
N THR F 68 -23.97 25.28 27.99
CA THR F 68 -24.74 26.44 27.57
C THR F 68 -23.82 27.64 27.41
N GLY F 69 -24.23 28.56 26.55
CA GLY F 69 -23.45 29.75 26.29
C GLY F 69 -23.94 30.43 25.02
N VAL F 70 -23.18 31.45 24.61
CA VAL F 70 -23.48 32.17 23.39
C VAL F 70 -23.00 31.34 22.21
N ALA F 71 -23.91 31.02 21.29
CA ALA F 71 -23.59 30.18 20.14
C ALA F 71 -23.12 31.03 18.97
N ASP F 72 -22.41 30.38 18.06
CA ASP F 72 -21.88 31.08 16.88
C ASP F 72 -23.02 31.40 15.92
N SER F 73 -22.84 32.47 15.14
CA SER F 73 -23.86 32.86 14.18
C SER F 73 -23.92 31.91 13.00
N HIS F 74 -22.76 31.50 12.48
CA HIS F 74 -22.74 30.63 11.30
C HIS F 74 -23.18 29.21 11.67
N ASN F 75 -22.65 28.67 12.77
CA ASN F 75 -23.00 27.34 13.24
C ASN F 75 -23.62 27.45 14.62
N ALA F 76 -24.88 27.02 14.75
CA ALA F 76 -25.57 27.11 16.03
C ALA F 76 -25.07 26.11 17.05
N ASN F 77 -24.33 25.09 16.62
CA ASN F 77 -23.83 24.05 17.52
C ASN F 77 -22.43 24.33 18.03
N LEU F 78 -21.82 25.46 17.67
CA LEU F 78 -20.46 25.78 18.07
C LEU F 78 -20.49 26.93 19.07
N LEU F 79 -19.65 26.82 20.10
CA LEU F 79 -19.51 27.89 21.07
C LEU F 79 -18.82 29.08 20.41
N ALA F 80 -19.41 30.27 20.57
CA ALA F 80 -18.93 31.47 19.91
C ALA F 80 -17.68 32.01 20.59
N LEU F 81 -16.94 32.83 19.86
CA LEU F 81 -15.74 33.48 20.38
C LEU F 81 -16.00 34.98 20.52
N GLU F 82 -15.48 35.56 21.59
CA GLU F 82 -15.66 36.99 21.84
C GLU F 82 -15.06 37.82 20.71
N ASN F 83 -15.82 38.80 20.23
CA ASN F 83 -15.42 39.60 19.08
C ASN F 83 -14.71 40.85 19.58
N THR F 84 -13.38 40.86 19.48
CA THR F 84 -12.59 42.02 19.87
C THR F 84 -11.71 42.48 18.71
N VAL F 85 -10.81 43.42 18.98
CA VAL F 85 -9.96 43.95 17.92
C VAL F 85 -8.93 42.91 17.46
N SER F 86 -8.48 42.04 18.36
CA SER F 86 -7.45 41.08 18.03
C SER F 86 -7.88 39.65 18.32
N ALA F 87 -9.04 39.25 17.83
CA ALA F 87 -9.58 37.92 18.09
C ALA F 87 -9.83 37.20 16.79
N ALA F 88 -9.59 35.89 16.81
CA ALA F 88 -9.77 35.06 15.62
C ALA F 88 -11.24 34.98 15.22
N SER F 89 -11.49 35.01 13.93
CA SER F 89 -12.84 34.93 13.39
C SER F 89 -12.95 33.75 12.44
N GLY F 90 -14.18 33.28 12.25
CA GLY F 90 -14.40 32.12 11.41
C GLY F 90 -14.24 30.79 12.11
N LEU F 91 -14.28 30.77 13.44
CA LEU F 91 -14.08 29.56 14.21
C LEU F 91 -15.18 29.42 15.25
N GLY F 92 -15.26 28.22 15.82
CA GLY F 92 -16.20 27.94 16.89
C GLY F 92 -15.78 26.73 17.68
N ILE F 93 -15.95 26.77 19.00
CA ILE F 93 -15.48 25.69 19.85
C ILE F 93 -16.51 24.56 19.83
N GLN F 94 -16.10 23.41 19.30
CA GLN F 94 -16.92 22.20 19.31
C GLN F 94 -16.59 21.40 20.56
N LEU F 95 -17.62 21.13 21.37
CA LEU F 95 -17.50 20.36 22.60
C LEU F 95 -18.00 18.94 22.32
N LEU F 96 -17.15 17.95 22.60
CA LEU F 96 -17.44 16.56 22.35
C LEU F 96 -17.69 15.83 23.67
N ASN F 97 -17.86 14.51 23.59
CA ASN F 97 -18.10 13.67 24.75
C ASN F 97 -16.93 12.70 24.92
N GLU F 98 -17.10 11.74 25.82
CA GLU F 98 -16.05 10.75 26.06
C GLU F 98 -15.75 9.94 24.80
N GLN F 99 -16.78 9.56 24.05
CA GLN F 99 -16.62 8.81 22.82
C GLN F 99 -16.46 9.71 21.60
N GLN F 100 -16.08 10.97 21.80
CA GLN F 100 -15.82 11.91 20.72
C GLN F 100 -17.05 12.12 19.82
N ASN F 101 -18.22 12.16 20.44
CA ASN F 101 -19.46 12.48 19.76
C ASN F 101 -19.86 13.91 20.09
N GLN F 102 -20.42 14.61 19.10
CA GLN F 102 -20.73 16.02 19.27
C GLN F 102 -21.80 16.24 20.34
N ILE F 103 -21.57 17.21 21.20
CA ILE F 103 -22.52 17.67 22.20
C ILE F 103 -22.98 19.07 21.80
N PRO F 104 -24.19 19.23 21.28
CA PRO F 104 -24.61 20.56 20.80
C PRO F 104 -24.73 21.56 21.94
N LEU F 105 -24.43 22.82 21.61
CA LEU F 105 -24.54 23.89 22.60
C LEU F 105 -25.98 24.31 22.77
N ASN F 106 -26.37 24.58 24.02
CA ASN F 106 -27.75 24.93 24.38
C ASN F 106 -28.73 23.84 23.96
N ALA F 107 -28.28 22.59 23.97
CA ALA F 107 -29.15 21.49 23.58
C ALA F 107 -30.15 21.19 24.69
N PRO F 108 -31.37 20.76 24.34
CA PRO F 108 -32.34 20.37 25.36
C PRO F 108 -31.88 19.14 26.12
N SER F 109 -32.34 19.04 27.37
CA SER F 109 -31.90 17.94 28.24
C SER F 109 -32.27 16.57 27.68
N SER F 110 -33.30 16.50 26.83
CA SER F 110 -33.64 15.22 26.21
C SER F 110 -32.67 14.84 25.11
N ALA F 111 -32.03 15.83 24.48
CA ALA F 111 -31.12 15.57 23.38
C ALA F 111 -29.74 15.09 23.83
N LEU F 112 -29.42 15.23 25.12
CA LEU F 112 -28.12 14.82 25.63
C LEU F 112 -28.04 13.31 25.75
N SER F 113 -26.93 12.83 26.31
CA SER F 113 -26.68 11.40 26.50
C SER F 113 -26.39 11.13 27.96
N TRP F 114 -27.06 10.13 28.53
CA TRP F 114 -26.85 9.77 29.92
C TRP F 114 -25.45 9.19 30.12
N THR F 115 -24.83 9.53 31.24
CA THR F 115 -23.50 9.01 31.58
C THR F 115 -23.60 8.27 32.90
N THR F 116 -23.10 7.02 32.92
CA THR F 116 -23.14 6.21 34.12
C THR F 116 -22.10 6.70 35.13
N LEU F 117 -22.37 6.41 36.40
CA LEU F 117 -21.49 6.78 37.50
C LEU F 117 -21.30 5.59 38.43
N THR F 118 -20.52 5.79 39.49
CA THR F 118 -20.30 4.79 40.53
C THR F 118 -20.70 5.39 41.86
N PRO F 119 -21.76 4.90 42.50
CA PRO F 119 -22.23 5.51 43.75
C PRO F 119 -21.17 5.43 44.86
N GLY F 120 -21.13 6.49 45.67
CA GLY F 120 -20.25 6.53 46.83
C GLY F 120 -18.81 6.86 46.55
N LYS F 121 -18.44 7.10 45.30
CA LYS F 121 -17.05 7.37 44.94
C LYS F 121 -16.96 8.65 44.12
N PRO F 122 -15.83 9.36 44.21
CA PRO F 122 -15.64 10.56 43.38
C PRO F 122 -15.57 10.19 41.90
N ASN F 123 -16.55 10.63 41.12
CA ASN F 123 -16.65 10.25 39.71
C ASN F 123 -16.12 11.39 38.83
N THR F 124 -15.27 11.05 37.87
CA THR F 124 -14.70 12.03 36.95
C THR F 124 -15.27 11.79 35.57
N LEU F 125 -15.86 12.82 34.97
CA LEU F 125 -16.43 12.74 33.64
C LEU F 125 -15.51 13.44 32.66
N ASN F 126 -15.17 12.76 31.57
CA ASN F 126 -14.18 13.25 30.62
C ASN F 126 -14.86 13.69 29.33
N PHE F 127 -14.50 14.88 28.84
CA PHE F 127 -14.99 15.42 27.60
C PHE F 127 -13.81 15.95 26.79
N TYR F 128 -14.09 16.44 25.59
CA TYR F 128 -13.06 16.97 24.70
C TYR F 128 -13.53 18.29 24.12
N ALA F 129 -12.57 19.13 23.73
CA ALA F 129 -12.88 20.39 23.08
C ALA F 129 -11.95 20.57 21.88
N ARG F 130 -12.47 21.20 20.84
CA ARG F 130 -11.66 21.47 19.65
C ARG F 130 -12.26 22.67 18.93
N LEU F 131 -11.60 23.09 17.86
CA LEU F 131 -12.04 24.22 17.06
C LEU F 131 -12.52 23.75 15.70
N MET F 132 -13.64 24.28 15.23
CA MET F 132 -14.18 23.98 13.92
C MET F 132 -14.33 25.28 13.13
N ALA F 133 -13.83 25.28 11.90
CA ALA F 133 -13.88 26.45 11.05
C ALA F 133 -15.29 26.67 10.51
N THR F 134 -15.79 27.89 10.66
CA THR F 134 -17.06 28.28 10.05
C THR F 134 -16.88 29.19 8.85
N GLN F 135 -15.69 29.76 8.66
CA GLN F 135 -15.38 30.61 7.52
C GLN F 135 -13.96 30.33 7.07
N VAL F 136 -13.70 30.62 5.79
CA VAL F 136 -12.38 30.40 5.21
C VAL F 136 -11.97 31.65 4.43
N PRO F 137 -10.76 32.18 4.66
CA PRO F 137 -9.73 31.70 5.58
C PRO F 137 -9.96 32.14 7.03
N VAL F 138 -9.46 31.37 7.97
CA VAL F 138 -9.62 31.67 9.40
C VAL F 138 -8.61 32.74 9.79
N THR F 139 -9.10 33.84 10.36
CA THR F 139 -8.22 34.91 10.79
C THR F 139 -7.48 34.52 12.06
N ALA F 140 -6.35 35.19 12.29
CA ALA F 140 -5.49 34.92 13.44
C ALA F 140 -5.87 35.80 14.62
N GLY F 141 -5.43 35.40 15.80
CA GLY F 141 -5.66 36.17 17.02
C GLY F 141 -5.76 35.25 18.22
N HIS F 142 -6.46 35.72 19.25
CA HIS F 142 -6.63 34.91 20.46
C HIS F 142 -8.04 34.36 20.56
N ILE F 143 -8.18 33.33 21.38
CA ILE F 143 -9.42 32.59 21.57
C ILE F 143 -9.74 32.60 23.05
N ASN F 144 -10.62 33.52 23.46
CA ASN F 144 -11.16 33.60 24.81
C ASN F 144 -12.65 33.27 24.75
N ALA F 145 -13.09 32.31 25.57
CA ALA F 145 -14.50 31.93 25.54
C ALA F 145 -14.92 31.38 26.90
N THR F 146 -16.21 31.56 27.23
CA THR F 146 -16.77 31.08 28.49
C THR F 146 -18.04 30.28 28.23
N ALA F 147 -18.18 29.16 28.94
CA ALA F 147 -19.37 28.31 28.88
C ALA F 147 -19.81 27.93 30.28
N THR F 148 -21.10 27.63 30.43
CA THR F 148 -21.65 27.18 31.71
C THR F 148 -22.17 25.75 31.56
N PHE F 149 -21.64 24.83 32.36
CA PHE F 149 -22.11 23.46 32.28
C PHE F 149 -23.18 23.18 33.33
N THR F 150 -24.25 22.51 32.89
CA THR F 150 -25.36 22.13 33.74
C THR F 150 -25.44 20.60 33.84
N LEU F 151 -26.01 20.13 34.94
CA LEU F 151 -26.09 18.70 35.25
C LEU F 151 -27.54 18.30 35.48
N GLU F 152 -27.96 17.22 34.82
CA GLU F 152 -29.25 16.59 35.03
C GLU F 152 -29.00 15.26 35.73
N TYR F 153 -29.49 15.14 36.97
CA TYR F 153 -29.23 13.97 37.79
C TYR F 153 -30.30 12.91 37.60
N GLN F 154 -29.91 11.66 37.79
CA GLN F 154 -30.83 10.54 37.70
C GLN F 154 -30.41 9.41 38.64
N ALA G 3 22.47 -28.27 7.44
CA ALA G 3 22.96 -27.81 8.74
C ALA G 3 22.46 -26.42 9.04
N THR G 4 22.77 -25.47 8.16
CA THR G 4 22.38 -24.07 8.30
C THR G 4 21.28 -23.78 7.28
N THR G 5 20.07 -23.53 7.76
CA THR G 5 18.92 -23.28 6.91
C THR G 5 18.51 -21.82 7.02
N VAL G 6 18.48 -21.12 5.90
CA VAL G 6 18.01 -19.74 5.83
C VAL G 6 16.82 -19.70 4.88
N ASN G 7 16.25 -18.53 4.68
CA ASN G 7 15.16 -18.35 3.72
C ASN G 7 15.67 -17.55 2.54
N GLY G 8 15.33 -18.01 1.33
CA GLY G 8 15.80 -17.35 0.14
C GLY G 8 14.93 -16.19 -0.31
N GLY G 9 13.66 -16.46 -0.58
CA GLY G 9 12.79 -15.42 -1.08
C GLY G 9 11.46 -15.91 -1.62
N THR G 10 11.08 -15.45 -2.81
CA THR G 10 9.77 -15.76 -3.36
C THR G 10 9.84 -15.93 -4.88
N VAL G 11 9.07 -16.90 -5.38
CA VAL G 11 8.90 -17.13 -6.81
C VAL G 11 7.42 -17.05 -7.13
N HIS G 12 7.08 -16.22 -8.11
CA HIS G 12 5.69 -16.05 -8.55
C HIS G 12 5.57 -16.63 -9.96
N PHE G 13 4.61 -17.52 -10.15
CA PHE G 13 4.39 -18.16 -11.45
C PHE G 13 3.17 -17.53 -12.11
N LYS G 14 3.32 -17.09 -13.35
CA LYS G 14 2.24 -16.46 -14.08
C LYS G 14 1.94 -17.27 -15.34
N GLY G 15 0.67 -17.61 -15.54
CA GLY G 15 0.30 -18.42 -16.68
C GLY G 15 -1.18 -18.37 -16.93
N GLU G 16 -1.63 -19.21 -17.86
CA GLU G 16 -3.04 -19.26 -18.23
C GLU G 16 -3.34 -20.56 -18.96
N VAL G 17 -4.46 -21.19 -18.60
CA VAL G 17 -4.96 -22.38 -19.28
C VAL G 17 -6.08 -21.96 -20.22
N VAL G 18 -5.97 -22.34 -21.49
CA VAL G 18 -6.90 -21.88 -22.52
C VAL G 18 -7.43 -23.07 -23.30
N ASN G 19 -8.72 -23.03 -23.62
CA ASN G 19 -9.35 -24.01 -24.50
C ASN G 19 -9.25 -23.46 -25.92
N ALA G 20 -8.17 -23.82 -26.62
CA ALA G 20 -7.91 -23.29 -27.94
C ALA G 20 -7.15 -24.33 -28.74
N ALA G 21 -6.66 -23.94 -29.91
CA ALA G 21 -5.86 -24.80 -30.76
C ALA G 21 -4.37 -24.54 -30.64
N CYS G 22 -3.98 -23.33 -30.23
CA CYS G 22 -2.59 -22.98 -30.03
C CYS G 22 -2.48 -22.23 -28.71
N ALA G 23 -1.28 -22.27 -28.12
CA ALA G 23 -1.01 -21.58 -26.87
C ALA G 23 0.02 -20.49 -27.12
N VAL G 24 -0.26 -19.28 -26.65
CA VAL G 24 0.69 -18.19 -26.83
C VAL G 24 1.97 -18.50 -26.07
N ASP G 25 3.11 -18.14 -26.64
CA ASP G 25 4.39 -18.51 -26.08
C ASP G 25 4.67 -17.72 -24.80
N ALA G 26 5.56 -18.29 -23.97
CA ALA G 26 5.91 -17.64 -22.71
C ALA G 26 6.61 -16.31 -22.95
N GLY G 27 7.41 -16.21 -24.01
CA GLY G 27 8.02 -14.94 -24.36
C GLY G 27 7.15 -14.01 -25.14
N SER G 28 6.01 -14.48 -25.64
CA SER G 28 5.10 -13.66 -26.43
C SER G 28 3.91 -13.14 -25.63
N VAL G 29 3.57 -13.77 -24.49
CA VAL G 29 2.46 -13.27 -23.70
C VAL G 29 2.76 -11.92 -23.07
N ASP G 30 4.04 -11.56 -22.93
CA ASP G 30 4.40 -10.27 -22.36
C ASP G 30 5.79 -9.91 -22.89
N GLN G 31 5.83 -9.01 -23.86
CA GLN G 31 7.09 -8.62 -24.50
C GLN G 31 7.20 -7.11 -24.59
N THR G 32 8.43 -6.63 -24.56
CA THR G 32 8.73 -5.21 -24.69
C THR G 32 9.35 -4.97 -26.06
N VAL G 33 8.83 -3.96 -26.77
CA VAL G 33 9.28 -3.62 -28.11
C VAL G 33 10.02 -2.30 -28.03
N GLN G 34 11.26 -2.28 -28.53
CA GLN G 34 12.11 -1.10 -28.48
C GLN G 34 12.03 -0.39 -29.82
N LEU G 35 11.22 0.67 -29.88
CA LEU G 35 11.03 1.40 -31.13
C LEU G 35 12.26 2.22 -31.53
N GLY G 36 13.16 2.50 -30.59
CA GLY G 36 14.27 3.39 -30.85
C GLY G 36 13.87 4.82 -30.56
N GLN G 37 14.44 5.78 -31.29
CA GLN G 37 14.02 7.17 -31.18
C GLN G 37 13.97 7.78 -32.57
N VAL G 38 13.06 8.74 -32.76
CA VAL G 38 12.78 9.31 -34.06
C VAL G 38 12.90 10.83 -33.97
N ARG G 39 13.48 11.43 -35.02
CA ARG G 39 13.57 12.88 -35.10
C ARG G 39 12.19 13.48 -35.32
N THR G 40 11.99 14.68 -34.76
CA THR G 40 10.74 15.38 -35.00
C THR G 40 10.65 15.95 -36.41
N ALA G 41 11.77 16.01 -37.13
CA ALA G 41 11.72 16.44 -38.54
C ALA G 41 10.96 15.45 -39.39
N SER G 42 11.12 14.15 -39.11
CA SER G 42 10.38 13.13 -39.84
C SER G 42 8.89 13.26 -39.62
N LEU G 43 8.48 13.52 -38.37
CA LEU G 43 7.07 13.69 -38.02
C LEU G 43 6.74 15.19 -37.98
N ALA G 44 6.75 15.79 -39.17
CA ALA G 44 6.61 17.24 -39.28
C ALA G 44 5.17 17.69 -39.46
N GLN G 45 4.36 16.92 -40.18
CA GLN G 45 2.96 17.27 -40.43
C GLN G 45 2.09 16.07 -40.11
N GLU G 46 0.78 16.28 -40.20
CA GLU G 46 -0.18 15.22 -39.89
C GLU G 46 -0.11 14.12 -40.94
N GLY G 47 -0.15 12.88 -40.48
CA GLY G 47 -0.05 11.74 -41.36
C GLY G 47 1.35 11.25 -41.63
N ALA G 48 2.36 11.98 -41.16
CA ALA G 48 3.74 11.54 -41.33
C ALA G 48 4.03 10.33 -40.46
N THR G 49 4.71 9.35 -41.03
CA THR G 49 5.02 8.11 -40.34
C THR G 49 6.53 7.91 -40.31
N SER G 50 7.00 7.19 -39.31
CA SER G 50 8.40 6.82 -39.17
C SER G 50 8.62 5.41 -39.70
N SER G 51 9.86 4.94 -39.59
CA SER G 51 10.16 3.57 -39.95
C SER G 51 9.61 2.61 -38.90
N ALA G 52 9.49 1.34 -39.29
CA ALA G 52 8.78 0.35 -38.50
C ALA G 52 9.74 -0.71 -37.97
N VAL G 53 9.64 -1.00 -36.68
CA VAL G 53 10.32 -2.16 -36.10
C VAL G 53 9.36 -3.35 -36.18
N GLY G 54 9.89 -4.55 -36.04
CA GLY G 54 9.11 -5.77 -36.17
C GLY G 54 9.09 -6.58 -34.90
N PHE G 55 7.92 -7.10 -34.55
CA PHE G 55 7.78 -8.01 -33.42
C PHE G 55 6.88 -9.17 -33.82
N ASN G 56 7.08 -10.31 -33.19
CA ASN G 56 6.35 -11.52 -33.56
C ASN G 56 5.64 -12.11 -32.34
N ILE G 57 4.48 -12.70 -32.59
CA ILE G 57 3.78 -13.51 -31.60
C ILE G 57 3.92 -14.96 -32.02
N GLN G 58 4.45 -15.79 -31.13
CA GLN G 58 4.69 -17.20 -31.42
C GLN G 58 3.64 -18.06 -30.73
N LEU G 59 3.02 -18.94 -31.51
CA LEU G 59 2.01 -19.86 -31.03
C LEU G 59 2.58 -21.27 -31.01
N ASN G 60 2.49 -21.93 -29.86
CA ASN G 60 3.08 -23.24 -29.65
C ASN G 60 1.98 -24.29 -29.54
N ASP G 61 2.32 -25.52 -29.93
CA ASP G 61 1.42 -26.66 -29.81
C ASP G 61 0.12 -26.42 -30.57
N CYS G 62 0.27 -26.19 -31.88
CA CYS G 62 -0.86 -25.95 -32.75
C CYS G 62 -1.39 -27.27 -33.30
N ASP G 63 -2.70 -27.40 -33.34
CA ASP G 63 -3.37 -28.59 -33.88
C ASP G 63 -4.25 -28.15 -35.03
N THR G 64 -3.87 -28.55 -36.26
CA THR G 64 -4.62 -28.15 -37.44
C THR G 64 -5.94 -28.89 -37.57
N ASN G 65 -6.17 -29.93 -36.76
CA ASN G 65 -7.46 -30.60 -36.73
C ASN G 65 -8.49 -29.86 -35.90
N VAL G 66 -8.07 -28.85 -35.14
CA VAL G 66 -8.98 -28.02 -34.37
C VAL G 66 -9.21 -26.67 -35.05
N ALA G 67 -8.13 -26.03 -35.52
CA ALA G 67 -8.24 -24.75 -36.20
C ALA G 67 -7.11 -24.63 -37.20
N SER G 68 -7.43 -24.15 -38.39
CA SER G 68 -6.47 -24.05 -39.48
C SER G 68 -5.94 -22.65 -39.72
N LYS G 69 -6.49 -21.64 -39.06
CA LYS G 69 -6.11 -20.26 -39.29
C LYS G 69 -6.16 -19.48 -37.98
N ALA G 70 -5.27 -18.50 -37.85
CA ALA G 70 -5.20 -17.69 -36.64
C ALA G 70 -5.16 -16.21 -36.99
N ALA G 71 -5.81 -15.40 -36.15
CA ALA G 71 -5.83 -13.96 -36.30
C ALA G 71 -5.62 -13.31 -34.94
N VAL G 72 -5.13 -12.07 -34.95
CA VAL G 72 -4.81 -11.35 -33.72
C VAL G 72 -5.46 -9.98 -33.77
N ALA G 73 -6.12 -9.59 -32.68
CA ALA G 73 -6.71 -8.27 -32.54
C ALA G 73 -6.10 -7.55 -31.34
N PHE G 74 -5.81 -6.27 -31.50
CA PHE G 74 -5.17 -5.48 -30.47
C PHE G 74 -6.17 -4.51 -29.85
N LEU G 75 -5.95 -4.20 -28.58
CA LEU G 75 -6.79 -3.28 -27.83
C LEU G 75 -5.92 -2.31 -27.04
N GLY G 76 -6.28 -1.04 -27.10
CA GLY G 76 -5.56 -0.01 -26.39
C GLY G 76 -6.34 1.28 -26.41
N THR G 77 -5.70 2.33 -25.91
CA THR G 77 -6.31 3.67 -25.88
C THR G 77 -5.88 4.43 -27.13
N ALA G 78 -6.86 4.80 -27.95
CA ALA G 78 -6.56 5.53 -29.18
C ALA G 78 -6.15 6.96 -28.87
N ILE G 79 -5.41 7.56 -29.81
CA ILE G 79 -4.88 8.90 -29.59
C ILE G 79 -6.01 9.93 -29.54
N ASP G 80 -7.04 9.75 -30.35
CA ASP G 80 -8.22 10.61 -30.35
C ASP G 80 -9.32 9.92 -31.14
N ALA G 81 -10.46 10.60 -31.28
CA ALA G 81 -11.59 10.02 -31.98
C ALA G 81 -11.34 9.90 -33.48
N GLY G 82 -10.58 10.83 -34.06
CA GLY G 82 -10.32 10.78 -35.48
C GLY G 82 -9.48 9.58 -35.89
N HIS G 83 -8.44 9.28 -35.12
CA HIS G 83 -7.50 8.20 -35.42
C HIS G 83 -7.73 7.07 -34.42
N THR G 84 -8.53 6.08 -34.81
CA THR G 84 -8.82 4.94 -33.97
C THR G 84 -7.82 3.80 -34.11
N ASN G 85 -6.87 3.90 -35.04
CA ASN G 85 -5.84 2.90 -35.21
C ASN G 85 -4.48 3.38 -34.71
N VAL G 86 -4.42 4.51 -34.03
CA VAL G 86 -3.18 5.10 -33.55
C VAL G 86 -3.20 5.04 -32.02
N LEU G 87 -2.28 4.27 -31.44
CA LEU G 87 -2.22 4.10 -30.01
C LEU G 87 -1.66 5.34 -29.33
N ALA G 88 -2.22 5.69 -28.19
CA ALA G 88 -1.82 6.89 -27.46
C ALA G 88 -0.69 6.58 -26.49
N LEU G 89 0.30 7.47 -26.45
CA LEU G 89 1.43 7.31 -25.55
C LEU G 89 0.99 7.48 -24.11
N GLN G 90 1.56 6.69 -23.20
CA GLN G 90 1.21 6.76 -21.79
C GLN G 90 2.34 7.28 -20.91
N SER G 91 3.48 6.58 -20.87
CA SER G 91 4.63 6.99 -20.07
C SER G 91 4.22 7.45 -18.67
N SER G 92 4.63 8.66 -18.31
CA SER G 92 4.25 9.32 -17.07
C SER G 92 3.40 10.55 -17.37
N ALA G 93 3.08 11.31 -16.33
CA ALA G 93 2.28 12.53 -16.49
C ALA G 93 3.11 13.75 -16.86
N ALA G 94 4.32 13.55 -17.35
CA ALA G 94 5.15 14.66 -17.80
C ALA G 94 6.17 14.14 -18.79
N GLY G 95 6.59 15.01 -19.70
CA GLY G 95 7.64 14.69 -20.64
C GLY G 95 7.31 13.57 -21.62
N SER G 96 6.12 13.61 -22.20
CA SER G 96 5.74 12.70 -23.26
C SER G 96 5.57 13.47 -24.56
N ALA G 97 5.79 12.77 -25.67
CA ALA G 97 5.71 13.40 -26.99
C ALA G 97 4.29 13.84 -27.29
N THR G 98 4.16 14.99 -27.95
CA THR G 98 2.88 15.54 -28.34
C THR G 98 2.64 15.29 -29.83
N ASN G 99 1.37 15.05 -30.18
CA ASN G 99 0.96 14.83 -31.56
C ASN G 99 1.62 13.59 -32.16
N VAL G 100 1.90 12.59 -31.33
CA VAL G 100 2.55 11.36 -31.77
C VAL G 100 1.83 10.17 -31.14
N GLY G 101 1.62 9.13 -31.94
CA GLY G 101 1.18 7.84 -31.44
C GLY G 101 1.95 6.75 -32.13
N VAL G 102 1.61 5.51 -31.79
CA VAL G 102 2.22 4.34 -32.42
C VAL G 102 1.15 3.56 -33.17
N GLN G 103 1.47 3.17 -34.40
CA GLN G 103 0.61 2.34 -35.24
C GLN G 103 1.15 0.92 -35.29
N ILE G 104 0.24 -0.05 -35.15
CA ILE G 104 0.56 -1.46 -35.27
C ILE G 104 0.02 -1.95 -36.60
N LEU G 105 0.89 -2.55 -37.40
CA LEU G 105 0.55 -3.04 -38.73
C LEU G 105 0.64 -4.56 -38.74
N ASP G 106 -0.30 -5.19 -39.43
CA ASP G 106 -0.38 -6.65 -39.47
C ASP G 106 0.46 -7.19 -40.61
N ARG G 107 0.25 -8.47 -40.95
CA ARG G 107 1.01 -9.13 -42.00
C ARG G 107 0.92 -8.39 -43.33
N THR G 108 -0.19 -7.73 -43.60
CA THR G 108 -0.41 -7.07 -44.88
C THR G 108 0.06 -5.61 -44.90
N GLY G 109 0.64 -5.12 -43.81
CA GLY G 109 1.12 -3.75 -43.79
C GLY G 109 0.04 -2.70 -43.64
N ALA G 110 -1.11 -3.05 -43.07
CA ALA G 110 -2.20 -2.13 -42.84
C ALA G 110 -2.41 -1.97 -41.34
N ALA G 111 -2.54 -0.72 -40.90
CA ALA G 111 -2.70 -0.44 -39.48
C ALA G 111 -4.00 -1.03 -38.96
N LEU G 112 -3.98 -1.51 -37.72
CA LEU G 112 -5.11 -2.18 -37.10
C LEU G 112 -5.78 -1.23 -36.11
N THR G 113 -7.10 -1.13 -36.18
CA THR G 113 -7.85 -0.37 -35.19
C THR G 113 -7.80 -1.08 -33.84
N LEU G 114 -7.62 -0.31 -32.78
CA LEU G 114 -7.37 -0.85 -31.44
C LEU G 114 -8.66 -0.87 -30.63
N ASP G 115 -9.61 -1.68 -31.08
CA ASP G 115 -10.89 -1.81 -30.41
C ASP G 115 -11.13 -3.20 -29.81
N GLY G 116 -10.29 -4.18 -30.13
CA GLY G 116 -10.43 -5.52 -29.60
C GLY G 116 -11.32 -6.43 -30.41
N ALA G 117 -11.97 -5.93 -31.46
CA ALA G 117 -12.86 -6.74 -32.27
C ALA G 117 -12.49 -6.76 -33.75
N THR G 118 -11.66 -5.83 -34.22
CA THR G 118 -11.17 -5.84 -35.59
C THR G 118 -9.93 -6.71 -35.65
N PHE G 119 -10.02 -7.83 -36.34
CA PHE G 119 -8.96 -8.82 -36.37
C PHE G 119 -8.11 -8.67 -37.63
N SER G 120 -6.85 -9.07 -37.53
CA SER G 120 -5.90 -8.96 -38.62
C SER G 120 -6.17 -10.05 -39.67
N SER G 121 -5.37 -10.02 -40.73
CA SER G 121 -5.46 -11.05 -41.76
C SER G 121 -5.11 -12.41 -41.17
N GLU G 122 -5.91 -13.42 -41.50
CA GLU G 122 -5.68 -14.75 -40.96
C GLU G 122 -4.44 -15.39 -41.57
N THR G 123 -3.62 -15.99 -40.72
CA THR G 123 -2.44 -16.72 -41.15
C THR G 123 -2.72 -18.22 -41.02
N THR G 124 -2.36 -18.97 -42.06
CA THR G 124 -2.56 -20.41 -42.04
C THR G 124 -1.61 -21.05 -41.04
N LEU G 125 -2.12 -22.03 -40.30
CA LEU G 125 -1.38 -22.66 -39.22
C LEU G 125 -0.81 -24.00 -39.67
N ASN G 126 0.32 -24.37 -39.07
CA ASN G 126 0.92 -25.68 -39.24
C ASN G 126 1.10 -26.31 -37.87
N ASN G 127 1.14 -27.64 -37.85
CA ASN G 127 1.36 -28.36 -36.61
C ASN G 127 2.68 -27.96 -35.98
N GLY G 128 2.65 -27.65 -34.68
CA GLY G 128 3.86 -27.30 -33.98
C GLY G 128 3.96 -25.85 -33.57
N THR G 129 4.92 -25.14 -34.14
CA THR G 129 5.20 -23.75 -33.80
C THR G 129 4.88 -22.86 -34.99
N ASN G 130 4.13 -21.78 -34.73
CA ASN G 130 3.79 -20.80 -35.74
C ASN G 130 4.23 -19.42 -35.26
N THR G 131 4.62 -18.57 -36.21
CA THR G 131 5.06 -17.22 -35.89
C THR G 131 4.23 -16.23 -36.71
N ILE G 132 3.55 -15.32 -36.02
CA ILE G 132 2.74 -14.28 -36.65
C ILE G 132 3.53 -12.98 -36.58
N PRO G 133 3.93 -12.39 -37.71
CA PRO G 133 4.70 -11.14 -37.69
C PRO G 133 3.82 -9.90 -37.70
N PHE G 134 4.25 -8.90 -36.92
CA PHE G 134 3.62 -7.60 -36.87
C PHE G 134 4.70 -6.55 -36.91
N GLN G 135 4.29 -5.30 -37.16
CA GLN G 135 5.21 -4.18 -37.20
C GLN G 135 4.63 -3.04 -36.37
N ALA G 136 5.51 -2.16 -35.92
CA ALA G 136 5.10 -0.99 -35.14
C ALA G 136 5.90 0.21 -35.59
N ARG G 137 5.23 1.33 -35.77
CA ARG G 137 5.86 2.56 -36.21
C ARG G 137 5.22 3.74 -35.47
N TYR G 138 5.72 4.94 -35.72
CA TYR G 138 5.11 6.14 -35.18
C TYR G 138 4.21 6.80 -36.22
N PHE G 139 3.21 7.51 -35.74
CA PHE G 139 2.28 8.24 -36.59
C PHE G 139 2.07 9.63 -35.99
N ALA G 140 2.23 10.66 -36.82
CA ALA G 140 2.11 12.03 -36.38
C ALA G 140 0.70 12.54 -36.66
N THR G 141 -0.02 12.87 -35.59
CA THR G 141 -1.34 13.49 -35.70
C THR G 141 -1.24 15.00 -35.85
N GLY G 142 -0.03 15.55 -35.88
CA GLY G 142 0.21 16.97 -36.03
C GLY G 142 1.69 17.25 -36.20
N ALA G 143 2.22 18.26 -35.53
CA ALA G 143 3.64 18.52 -35.49
C ALA G 143 4.22 17.94 -34.21
N ALA G 144 5.13 16.98 -34.37
CA ALA G 144 5.67 16.26 -33.21
C ALA G 144 6.52 17.19 -32.35
N THR G 145 6.56 16.88 -31.06
CA THR G 145 7.42 17.55 -30.09
C THR G 145 8.26 16.52 -29.35
N PRO G 146 9.43 16.92 -28.87
CA PRO G 146 10.30 15.96 -28.17
C PRO G 146 9.65 15.42 -26.90
N GLY G 147 10.00 14.19 -26.58
CA GLY G 147 9.51 13.55 -25.36
C GLY G 147 9.48 12.04 -25.52
N ALA G 148 9.22 11.38 -24.40
CA ALA G 148 9.11 9.93 -24.38
C ALA G 148 7.88 9.47 -25.17
N ALA G 149 7.98 8.29 -25.77
CA ALA G 149 6.95 7.79 -26.66
C ALA G 149 6.64 6.32 -26.36
N ASN G 150 6.45 6.01 -25.08
CA ASN G 150 6.06 4.66 -24.69
C ASN G 150 4.56 4.48 -24.82
N ALA G 151 4.15 3.23 -25.09
CA ALA G 151 2.73 2.90 -25.21
C ALA G 151 2.53 1.44 -24.84
N ASP G 152 1.26 1.07 -24.61
CA ASP G 152 0.91 -0.28 -24.22
C ASP G 152 -0.34 -0.73 -24.97
N ALA G 153 -0.40 -2.02 -25.26
CA ALA G 153 -1.57 -2.62 -25.89
C ALA G 153 -1.66 -4.08 -25.45
N THR G 154 -2.87 -4.64 -25.56
CA THR G 154 -3.10 -6.04 -25.21
C THR G 154 -3.76 -6.73 -26.38
N PHE G 155 -3.27 -7.92 -26.74
CA PHE G 155 -3.77 -8.61 -27.92
C PHE G 155 -4.60 -9.83 -27.52
N LYS G 156 -5.29 -10.36 -28.53
CA LYS G 156 -6.26 -11.43 -28.35
C LYS G 156 -6.29 -12.26 -29.61
N VAL G 157 -6.25 -13.58 -29.47
CA VAL G 157 -6.07 -14.49 -30.60
C VAL G 157 -7.38 -15.21 -30.89
N GLN G 158 -7.71 -15.30 -32.18
CA GLN G 158 -8.89 -15.99 -32.67
C GLN G 158 -8.44 -17.13 -33.57
N TYR G 159 -9.04 -18.31 -33.38
CA TYR G 159 -8.70 -19.49 -34.15
C TYR G 159 -9.92 -19.94 -34.96
N GLN G 160 -9.71 -20.19 -36.25
CA GLN G 160 -10.78 -20.66 -37.13
C GLN G 160 -10.32 -21.87 -37.95
#